data_7P5S
#
_entry.id   7P5S
#
_entity_poly.entity_id   1
_entity_poly.type   'polypeptide(L)'
_entity_poly.pdbx_seq_one_letter_code
;GVKGFNCYFPLQSYGFQPTYGVGYQ
;
_entity_poly.pdbx_strand_id   A
#
# COMPACT_ATOMS: atom_id res chain seq x y z
N GLY A 1 2.60 1.50 15.58
CA GLY A 1 1.99 0.32 16.17
C GLY A 1 1.09 0.65 17.33
N VAL A 2 -0.07 1.23 17.03
CA VAL A 2 -1.04 1.60 18.07
C VAL A 2 -2.02 0.46 18.33
N LYS A 3 -2.37 0.27 19.60
CA LYS A 3 -3.31 -0.77 19.99
C LYS A 3 -4.56 -0.72 19.13
N GLY A 4 -4.75 -1.74 18.30
CA GLY A 4 -5.92 -1.80 17.44
C GLY A 4 -5.57 -1.64 15.97
N PHE A 5 -6.50 -1.97 15.09
CA PHE A 5 -6.28 -1.86 13.65
C PHE A 5 -6.61 -0.46 13.16
N ASN A 6 -5.68 0.47 13.38
CA ASN A 6 -5.86 1.85 12.96
C ASN A 6 -4.54 2.60 12.96
N CYS A 7 -3.45 1.87 12.78
CA CYS A 7 -2.12 2.46 12.76
C CYS A 7 -1.52 2.43 11.35
N TYR A 8 -1.98 1.47 10.55
CA TYR A 8 -1.49 1.32 9.18
C TYR A 8 -1.60 2.65 8.43
N PHE A 9 -0.52 3.01 7.73
CA PHE A 9 -0.49 4.25 6.96
C PHE A 9 -1.05 4.04 5.57
N PRO A 10 -1.51 5.14 4.94
CA PRO A 10 -2.08 5.10 3.60
C PRO A 10 -1.04 4.80 2.52
N LEU A 11 0.10 5.49 2.59
CA LEU A 11 1.17 5.29 1.63
C LEU A 11 1.67 3.85 1.66
N GLN A 12 1.57 3.22 2.82
CA GLN A 12 2.01 1.84 2.98
C GLN A 12 0.83 0.87 2.83
N SER A 13 -0.30 1.40 2.38
CA SER A 13 -1.50 0.59 2.18
C SER A 13 -2.26 1.03 0.94
N TYR A 14 -1.52 1.51 -0.05
CA TYR A 14 -2.13 1.97 -1.29
C TYR A 14 -1.10 1.99 -2.43
N GLY A 15 -0.05 1.20 -2.26
CA GLY A 15 1.00 1.14 -3.28
C GLY A 15 1.73 2.45 -3.44
N PHE A 16 1.93 2.88 -4.68
CA PHE A 16 2.63 4.13 -4.96
C PHE A 16 2.69 4.38 -6.47
N GLN A 17 3.04 3.35 -7.22
CA GLN A 17 3.15 3.45 -8.67
C GLN A 17 1.79 3.74 -9.29
N PRO A 18 1.80 4.24 -10.54
CA PRO A 18 0.58 4.57 -11.28
C PRO A 18 -0.22 3.33 -11.66
N THR A 19 0.35 2.16 -11.40
CA THR A 19 -0.31 0.90 -11.72
C THR A 19 -1.44 0.61 -10.75
N TYR A 20 -1.21 0.91 -9.48
CA TYR A 20 -2.21 0.68 -8.45
C TYR A 20 -2.70 2.00 -7.85
N GLY A 21 -1.85 3.02 -7.91
CA GLY A 21 -2.20 4.32 -7.37
C GLY A 21 -3.43 4.90 -8.04
N VAL A 22 -3.75 4.40 -9.23
CA VAL A 22 -4.90 4.89 -9.98
C VAL A 22 -6.12 4.00 -9.74
N GLY A 23 -6.16 3.36 -8.58
CA GLY A 23 -7.27 2.50 -8.24
C GLY A 23 -8.39 3.24 -7.53
N TYR A 24 -9.02 2.58 -6.57
CA TYR A 24 -10.12 3.17 -5.83
C TYR A 24 -9.89 3.04 -4.32
N GLN A 25 -9.88 4.17 -3.62
CA GLN A 25 -9.68 4.18 -2.18
C GLN A 25 -11.01 4.25 -1.44
N GLY A 1 4.93 -1.39 16.31
CA GLY A 1 5.15 -0.03 16.78
C GLY A 1 6.10 0.74 15.89
N VAL A 2 5.62 1.19 14.74
CA VAL A 2 6.43 1.94 13.81
C VAL A 2 6.33 3.44 14.08
N LYS A 3 7.46 4.14 13.94
CA LYS A 3 7.49 5.58 14.15
C LYS A 3 6.37 6.28 13.39
N GLY A 4 5.42 6.83 14.12
CA GLY A 4 4.30 7.52 13.49
C GLY A 4 2.99 6.80 13.68
N PHE A 5 2.08 6.96 12.73
CA PHE A 5 0.77 6.33 12.79
C PHE A 5 0.91 4.81 12.90
N ASN A 6 -0.20 4.13 13.19
CA ASN A 6 -0.19 2.69 13.31
C ASN A 6 0.42 2.02 12.08
N CYS A 7 0.66 0.73 12.17
CA CYS A 7 1.24 -0.02 11.05
C CYS A 7 0.45 0.20 9.77
N TYR A 8 -0.85 0.46 9.93
CA TYR A 8 -1.72 0.68 8.78
C TYR A 8 -1.58 2.10 8.25
N PHE A 9 -0.54 2.33 7.46
CA PHE A 9 -0.29 3.64 6.88
C PHE A 9 -1.03 3.82 5.56
N PRO A 10 -1.26 5.08 5.17
CA PRO A 10 -1.96 5.41 3.93
C PRO A 10 -1.14 5.08 2.69
N LEU A 11 0.13 5.48 2.71
CA LEU A 11 1.03 5.22 1.59
C LEU A 11 1.54 3.79 1.61
N GLN A 12 1.55 3.19 2.80
CA GLN A 12 2.02 1.82 2.96
C GLN A 12 0.86 0.83 2.79
N SER A 13 -0.29 1.35 2.34
CA SER A 13 -1.47 0.51 2.15
C SER A 13 -2.23 0.94 0.90
N TYR A 14 -1.50 1.44 -0.09
CA TYR A 14 -2.11 1.89 -1.33
C TYR A 14 -1.06 1.93 -2.46
N GLY A 15 0.00 1.16 -2.30
CA GLY A 15 1.04 1.11 -3.31
C GLY A 15 1.76 2.45 -3.46
N PHE A 16 1.95 2.87 -4.70
CA PHE A 16 2.63 4.13 -4.99
C PHE A 16 2.69 4.39 -6.48
N GLN A 17 3.06 3.36 -7.24
CA GLN A 17 3.17 3.48 -8.69
C GLN A 17 1.81 3.75 -9.31
N PRO A 18 1.82 4.24 -10.57
CA PRO A 18 0.60 4.56 -11.30
C PRO A 18 -0.19 3.31 -11.70
N THR A 19 0.40 2.14 -11.43
CA THR A 19 -0.24 0.88 -11.76
C THR A 19 -0.24 -0.06 -10.56
N TYR A 20 -0.17 0.51 -9.37
CA TYR A 20 -0.16 -0.28 -8.14
C TYR A 20 -1.28 0.15 -7.20
N GLY A 21 -1.53 1.45 -7.16
CA GLY A 21 -2.58 1.99 -6.29
C GLY A 21 -3.95 1.39 -6.61
N VAL A 22 -4.09 0.84 -7.81
CA VAL A 22 -5.35 0.25 -8.24
C VAL A 22 -5.35 -1.25 -7.99
N GLY A 23 -4.57 -1.69 -7.01
CA GLY A 23 -4.50 -3.10 -6.70
C GLY A 23 -5.81 -3.64 -6.12
N TYR A 24 -5.70 -4.55 -5.16
CA TYR A 24 -6.88 -5.13 -4.54
C TYR A 24 -6.55 -5.66 -3.14
N GLN A 25 -7.58 -5.75 -2.29
CA GLN A 25 -7.40 -6.23 -0.93
C GLN A 25 -8.63 -6.99 -0.46
N GLY A 1 7.51 -6.70 -4.62
CA GLY A 1 8.02 -7.17 -3.35
C GLY A 1 7.13 -8.22 -2.72
N VAL A 2 6.59 -7.91 -1.55
CA VAL A 2 5.73 -8.85 -0.84
C VAL A 2 4.27 -8.63 -1.22
N LYS A 3 3.52 -9.73 -1.34
CA LYS A 3 2.11 -9.66 -1.70
C LYS A 3 1.37 -8.65 -0.82
N GLY A 4 0.93 -7.56 -1.42
CA GLY A 4 0.21 -6.54 -0.68
C GLY A 4 1.09 -5.84 0.33
N PHE A 5 0.62 -4.69 0.82
CA PHE A 5 1.38 -3.91 1.81
C PHE A 5 0.61 -3.80 3.12
N ASN A 6 1.28 -3.31 4.15
CA ASN A 6 0.67 -3.15 5.46
C ASN A 6 -0.63 -2.37 5.35
N CYS A 7 -1.51 -2.52 6.35
CA CYS A 7 -2.78 -1.82 6.36
C CYS A 7 -2.81 -0.75 7.45
N TYR A 8 -1.63 -0.23 7.78
CA TYR A 8 -1.52 0.80 8.81
C TYR A 8 -1.48 2.19 8.19
N PHE A 9 -0.35 2.53 7.59
CA PHE A 9 -0.17 3.83 6.96
C PHE A 9 -0.93 3.90 5.63
N PRO A 10 -1.24 5.12 5.19
CA PRO A 10 -1.96 5.35 3.93
C PRO A 10 -1.12 5.01 2.71
N LEU A 11 0.12 5.49 2.70
CA LEU A 11 1.03 5.24 1.58
C LEU A 11 1.54 3.80 1.61
N GLN A 12 1.55 3.21 2.80
CA GLN A 12 2.01 1.83 2.96
C GLN A 12 0.85 0.85 2.79
N SER A 13 -0.29 1.36 2.34
CA SER A 13 -1.48 0.52 2.15
C SER A 13 -2.23 0.95 0.90
N TYR A 14 -1.50 1.46 -0.09
CA TYR A 14 -2.10 1.91 -1.34
C TYR A 14 -1.07 1.94 -2.46
N GLY A 15 -0.01 1.16 -2.30
CA GLY A 15 1.04 1.12 -3.31
C GLY A 15 1.75 2.45 -3.46
N PHE A 16 1.95 2.88 -4.70
CA PHE A 16 2.62 4.14 -4.98
C PHE A 16 2.69 4.39 -6.48
N GLN A 17 3.06 3.36 -7.24
CA GLN A 17 3.17 3.48 -8.69
C GLN A 17 1.81 3.75 -9.31
N PRO A 18 1.82 4.24 -10.57
CA PRO A 18 0.60 4.55 -11.31
C PRO A 18 -0.18 3.30 -11.70
N THR A 19 0.40 2.14 -11.43
CA THR A 19 -0.24 0.87 -11.76
C THR A 19 -0.66 0.12 -10.50
N TYR A 20 0.02 0.42 -9.39
CA TYR A 20 -0.28 -0.23 -8.12
C TYR A 20 -1.20 0.64 -7.28
N GLY A 21 -1.13 1.95 -7.50
CA GLY A 21 -1.97 2.88 -6.75
C GLY A 21 -3.44 2.56 -6.86
N VAL A 22 -3.80 1.85 -7.93
CA VAL A 22 -5.20 1.47 -8.15
C VAL A 22 -5.31 0.01 -8.60
N GLY A 23 -4.97 -0.90 -7.70
CA GLY A 23 -5.03 -2.31 -8.01
C GLY A 23 -6.14 -3.01 -7.25
N TYR A 24 -5.88 -4.25 -6.83
CA TYR A 24 -6.85 -5.04 -6.09
C TYR A 24 -6.43 -5.21 -4.64
N GLN A 25 -7.37 -4.97 -3.73
CA GLN A 25 -7.10 -5.11 -2.30
C GLN A 25 -8.06 -6.09 -1.65
N GLY A 1 -8.88 -10.20 11.28
CA GLY A 1 -8.48 -8.87 11.67
C GLY A 1 -7.70 -8.15 10.59
N VAL A 2 -7.01 -7.08 10.96
CA VAL A 2 -6.23 -6.30 10.01
C VAL A 2 -4.79 -6.82 9.94
N LYS A 3 -4.24 -6.83 8.73
CA LYS A 3 -2.88 -7.30 8.52
C LYS A 3 -1.92 -6.63 9.49
N GLY A 4 -1.37 -7.42 10.41
CA GLY A 4 -0.44 -6.89 11.39
C GLY A 4 -1.10 -5.91 12.34
N PHE A 5 -0.31 -4.97 12.85
CA PHE A 5 -0.83 -3.97 13.79
C PHE A 5 -1.98 -3.19 13.16
N ASN A 6 -2.68 -2.41 13.99
CA ASN A 6 -3.81 -1.62 13.52
C ASN A 6 -3.38 -0.19 13.21
N CYS A 7 -2.11 -0.03 12.85
CA CYS A 7 -1.57 1.29 12.53
C CYS A 7 -1.20 1.37 11.05
N TYR A 8 -1.97 0.70 10.21
CA TYR A 8 -1.72 0.69 8.77
C TYR A 8 -1.59 2.11 8.24
N PHE A 9 -0.53 2.35 7.47
CA PHE A 9 -0.29 3.67 6.89
C PHE A 9 -1.03 3.82 5.57
N PRO A 10 -1.27 5.08 5.17
CA PRO A 10 -1.96 5.40 3.92
C PRO A 10 -1.13 5.07 2.69
N LEU A 11 0.13 5.48 2.71
CA LEU A 11 1.03 5.23 1.59
C LEU A 11 1.54 3.79 1.61
N GLN A 12 1.56 3.20 2.80
CA GLN A 12 2.02 1.82 2.96
C GLN A 12 0.87 0.84 2.79
N SER A 13 -0.28 1.35 2.35
CA SER A 13 -1.46 0.52 2.15
C SER A 13 -2.23 0.94 0.90
N TYR A 14 -1.50 1.44 -0.09
CA TYR A 14 -2.10 1.90 -1.33
C TYR A 14 -1.06 1.93 -2.46
N GLY A 15 0.00 1.16 -2.30
CA GLY A 15 1.04 1.12 -3.30
C GLY A 15 1.76 2.45 -3.46
N PHE A 16 1.95 2.87 -4.70
CA PHE A 16 2.63 4.13 -4.99
C PHE A 16 2.70 4.39 -6.49
N GLN A 17 3.06 3.36 -7.24
CA GLN A 17 3.16 3.47 -8.69
C GLN A 17 1.81 3.75 -9.31
N PRO A 18 1.82 4.24 -10.57
CA PRO A 18 0.59 4.56 -11.30
C PRO A 18 -0.19 3.32 -11.70
N THR A 19 0.39 2.16 -11.43
CA THR A 19 -0.26 0.88 -11.76
C THR A 19 -0.53 0.07 -10.50
N TYR A 20 -0.67 0.76 -9.37
CA TYR A 20 -0.93 0.10 -8.09
C TYR A 20 -2.29 0.53 -7.54
N GLY A 21 -2.73 1.73 -7.92
CA GLY A 21 -4.00 2.24 -7.45
C GLY A 21 -5.14 1.26 -7.67
N VAL A 22 -4.99 0.42 -8.69
CA VAL A 22 -6.02 -0.57 -9.02
C VAL A 22 -5.41 -1.95 -9.21
N GLY A 23 -4.87 -2.51 -8.13
CA GLY A 23 -4.26 -3.83 -8.20
C GLY A 23 -2.90 -3.80 -8.87
N TYR A 24 -2.31 -4.98 -9.04
CA TYR A 24 -1.00 -5.09 -9.68
C TYR A 24 -1.05 -4.57 -11.11
N GLN A 25 0.12 -4.45 -11.73
CA GLN A 25 0.21 -3.96 -13.10
C GLN A 25 -0.72 -4.75 -14.02
N GLY A 1 1.33 -12.73 3.69
CA GLY A 1 0.44 -11.80 4.35
C GLY A 1 0.43 -10.44 3.68
N VAL A 2 0.50 -9.38 4.49
CA VAL A 2 0.50 -8.02 3.97
C VAL A 2 1.91 -7.53 3.70
N LYS A 3 2.08 -6.78 2.62
CA LYS A 3 3.38 -6.24 2.24
C LYS A 3 4.03 -5.53 3.43
N GLY A 4 5.11 -6.12 3.94
CA GLY A 4 5.82 -5.53 5.07
C GLY A 4 5.00 -5.56 6.33
N PHE A 5 5.59 -5.12 7.43
CA PHE A 5 4.90 -5.08 8.72
C PHE A 5 4.63 -3.65 9.15
N ASN A 6 3.59 -3.48 9.98
CA ASN A 6 3.22 -2.16 10.46
C ASN A 6 3.06 -1.17 9.31
N CYS A 7 2.17 -1.49 8.38
CA CYS A 7 1.92 -0.63 7.23
C CYS A 7 0.57 0.07 7.34
N TYR A 8 0.16 0.34 8.57
CA TYR A 8 -1.12 1.01 8.83
C TYR A 8 -1.22 2.31 8.05
N PHE A 9 -0.06 2.92 7.79
CA PHE A 9 -0.01 4.18 7.05
C PHE A 9 -0.79 4.07 5.73
N PRO A 10 -1.20 5.23 5.20
CA PRO A 10 -1.95 5.30 3.95
C PRO A 10 -1.10 4.94 2.73
N LEU A 11 0.10 5.52 2.67
CA LEU A 11 1.01 5.25 1.56
C LEU A 11 1.52 3.82 1.60
N GLN A 12 1.53 3.23 2.79
CA GLN A 12 1.98 1.85 2.97
C GLN A 12 0.83 0.87 2.78
N SER A 13 -0.32 1.39 2.34
CA SER A 13 -1.49 0.55 2.13
C SER A 13 -2.24 0.97 0.87
N TYR A 14 -1.51 1.46 -0.11
CA TYR A 14 -2.10 1.92 -1.37
C TYR A 14 -1.06 1.94 -2.48
N GLY A 15 0.00 1.17 -2.31
CA GLY A 15 1.07 1.11 -3.31
C GLY A 15 1.78 2.44 -3.46
N PHE A 16 1.98 2.86 -4.70
CA PHE A 16 2.67 4.12 -4.99
C PHE A 16 2.72 4.39 -6.49
N GLN A 17 3.08 3.36 -7.25
CA GLN A 17 3.18 3.48 -8.70
C GLN A 17 1.80 3.76 -9.31
N PRO A 18 1.80 4.25 -10.56
CA PRO A 18 0.56 4.56 -11.29
C PRO A 18 -0.21 3.31 -11.67
N THR A 19 0.38 2.15 -11.42
CA THR A 19 -0.26 0.87 -11.75
C THR A 19 -0.01 -0.15 -10.66
N TYR A 20 -0.05 0.29 -9.41
CA TYR A 20 0.17 -0.60 -8.27
C TYR A 20 -0.57 -0.10 -7.04
N GLY A 21 -0.75 -0.99 -6.06
CA GLY A 21 -1.45 -0.63 -4.84
C GLY A 21 -2.93 -0.92 -4.90
N VAL A 22 -3.54 -0.68 -6.05
CA VAL A 22 -4.96 -0.92 -6.24
C VAL A 22 -5.21 -2.26 -6.92
N GLY A 23 -4.25 -3.18 -6.77
CA GLY A 23 -4.38 -4.49 -7.38
C GLY A 23 -4.91 -5.53 -6.40
N TYR A 24 -4.98 -6.77 -6.86
CA TYR A 24 -5.47 -7.86 -6.02
C TYR A 24 -6.83 -7.52 -5.43
N GLN A 25 -7.89 -7.70 -6.23
CA GLN A 25 -9.23 -7.41 -5.77
C GLN A 25 -10.26 -7.93 -6.78
N GLY A 1 8.59 -6.87 10.54
CA GLY A 1 8.10 -5.54 10.84
C GLY A 1 8.25 -5.19 12.31
N VAL A 2 7.43 -4.25 12.78
CA VAL A 2 7.49 -3.82 14.17
C VAL A 2 6.54 -4.64 15.03
N LYS A 3 6.97 -4.96 16.24
CA LYS A 3 6.16 -5.74 17.17
C LYS A 3 4.76 -5.14 17.29
N GLY A 4 3.76 -5.88 16.79
CA GLY A 4 2.38 -5.40 16.86
C GLY A 4 1.83 -5.05 15.49
N PHE A 5 0.51 -4.93 15.41
CA PHE A 5 -0.15 -4.59 14.15
C PHE A 5 -0.89 -3.26 14.27
N ASN A 6 -0.14 -2.16 14.23
CA ASN A 6 -0.73 -0.84 14.33
C ASN A 6 0.04 0.17 13.46
N CYS A 7 0.56 -0.32 12.34
CA CYS A 7 1.31 0.54 11.42
C CYS A 7 0.59 0.67 10.08
N TYR A 8 -0.74 0.70 10.14
CA TYR A 8 -1.54 0.82 8.93
C TYR A 8 -1.46 2.23 8.35
N PHE A 9 -0.42 2.48 7.54
CA PHE A 9 -0.23 3.79 6.93
C PHE A 9 -0.97 3.87 5.60
N PRO A 10 -1.26 5.11 5.17
CA PRO A 10 -1.97 5.36 3.91
C PRO A 10 -1.12 5.02 2.69
N LEU A 11 0.12 5.48 2.70
CA LEU A 11 1.05 5.23 1.59
C LEU A 11 1.54 3.79 1.61
N GLN A 12 1.56 3.20 2.80
CA GLN A 12 2.01 1.82 2.97
C GLN A 12 0.85 0.84 2.79
N SER A 13 -0.29 1.35 2.35
CA SER A 13 -1.48 0.52 2.15
C SER A 13 -2.23 0.95 0.90
N TYR A 14 -1.50 1.46 -0.09
CA TYR A 14 -2.10 1.91 -1.33
C TYR A 14 -1.07 1.94 -2.46
N GLY A 15 0.00 1.17 -2.30
CA GLY A 15 1.04 1.12 -3.31
C GLY A 15 1.75 2.45 -3.45
N PHE A 16 1.95 2.88 -4.70
CA PHE A 16 2.63 4.14 -4.98
C PHE A 16 2.70 4.40 -6.48
N GLN A 17 3.05 3.36 -7.23
CA GLN A 17 3.17 3.48 -8.68
C GLN A 17 1.81 3.75 -9.31
N PRO A 18 1.82 4.24 -10.57
CA PRO A 18 0.59 4.55 -11.31
C PRO A 18 -0.19 3.30 -11.69
N THR A 19 0.40 2.14 -11.43
CA THR A 19 -0.24 0.87 -11.76
C THR A 19 -1.17 0.42 -10.64
N TYR A 20 -0.67 0.43 -9.41
CA TYR A 20 -1.46 0.01 -8.26
C TYR A 20 -2.18 1.21 -7.63
N GLY A 21 -1.58 2.39 -7.80
CA GLY A 21 -2.17 3.61 -7.24
C GLY A 21 -3.55 3.88 -7.80
N VAL A 22 -3.86 3.30 -8.96
CA VAL A 22 -5.15 3.48 -9.59
C VAL A 22 -6.11 2.35 -9.25
N GLY A 23 -5.88 1.73 -8.09
CA GLY A 23 -6.73 0.62 -7.66
C GLY A 23 -6.01 -0.71 -7.72
N TYR A 24 -6.74 -1.77 -7.42
CA TYR A 24 -6.17 -3.12 -7.44
C TYR A 24 -6.25 -3.74 -8.82
N GLN A 25 -5.62 -4.88 -9.00
CA GLN A 25 -5.62 -5.58 -10.28
C GLN A 25 -6.15 -7.00 -10.13
N GLY A 1 8.92 0.11 -4.05
CA GLY A 1 8.48 0.92 -2.92
C GLY A 1 9.14 0.51 -1.62
N VAL A 2 8.34 0.43 -0.57
CA VAL A 2 8.84 0.05 0.75
C VAL A 2 8.76 -1.47 0.95
N LYS A 3 9.77 -2.02 1.60
CA LYS A 3 9.81 -3.45 1.86
C LYS A 3 8.50 -3.93 2.49
N GLY A 4 7.75 -4.72 1.74
CA GLY A 4 6.48 -5.23 2.24
C GLY A 4 5.45 -4.14 2.42
N PHE A 5 4.19 -4.53 2.58
CA PHE A 5 3.10 -3.58 2.76
C PHE A 5 2.44 -3.77 4.11
N ASN A 6 1.60 -2.82 4.49
CA ASN A 6 0.89 -2.87 5.77
C ASN A 6 -0.45 -2.15 5.68
N CYS A 7 -1.27 -2.31 6.71
CA CYS A 7 -2.59 -1.68 6.75
C CYS A 7 -2.61 -0.56 7.79
N TYR A 8 -1.45 0.01 8.07
CA TYR A 8 -1.35 1.09 9.03
C TYR A 8 -1.38 2.46 8.35
N PHE A 9 -0.28 2.81 7.69
CA PHE A 9 -0.17 4.08 6.99
C PHE A 9 -0.92 4.02 5.65
N PRO A 10 -1.29 5.20 5.13
CA PRO A 10 -2.00 5.31 3.86
C PRO A 10 -1.12 4.96 2.67
N LEU A 11 0.08 5.52 2.64
CA LEU A 11 1.03 5.26 1.56
C LEU A 11 1.53 3.82 1.61
N GLN A 12 1.52 3.23 2.80
CA GLN A 12 1.98 1.86 2.98
C GLN A 12 0.83 0.88 2.80
N SER A 13 -0.32 1.39 2.34
CA SER A 13 -1.49 0.55 2.13
C SER A 13 -2.24 0.97 0.87
N TYR A 14 -1.49 1.46 -0.11
CA TYR A 14 -2.08 1.90 -1.37
C TYR A 14 -1.02 1.92 -2.48
N GLY A 15 0.03 1.15 -2.30
CA GLY A 15 1.09 1.09 -3.30
C GLY A 15 1.82 2.43 -3.45
N PHE A 16 2.02 2.84 -4.69
CA PHE A 16 2.70 4.10 -4.98
C PHE A 16 2.75 4.37 -6.48
N GLN A 17 3.06 3.33 -7.24
CA GLN A 17 3.14 3.45 -8.70
C GLN A 17 1.78 3.75 -9.30
N PRO A 18 1.77 4.25 -10.54
CA PRO A 18 0.53 4.59 -11.26
C PRO A 18 -0.27 3.36 -11.64
N THR A 19 0.30 2.18 -11.39
CA THR A 19 -0.36 0.92 -11.71
C THR A 19 0.03 -0.18 -10.73
N TYR A 20 0.06 0.17 -9.45
CA TYR A 20 0.42 -0.79 -8.42
C TYR A 20 -0.16 -0.38 -7.06
N GLY A 21 -1.26 0.36 -7.11
CA GLY A 21 -1.90 0.81 -5.88
C GLY A 21 -3.19 0.07 -5.60
N VAL A 22 -3.76 -0.53 -6.64
CA VAL A 22 -5.01 -1.27 -6.50
C VAL A 22 -4.77 -2.77 -6.46
N GLY A 23 -3.57 -3.16 -6.04
CA GLY A 23 -3.22 -4.57 -5.96
C GLY A 23 -4.17 -5.35 -5.08
N TYR A 24 -3.88 -6.64 -4.90
CA TYR A 24 -4.72 -7.49 -4.07
C TYR A 24 -4.80 -6.97 -2.64
N GLN A 25 -6.02 -6.81 -2.13
CA GLN A 25 -6.21 -6.31 -0.77
C GLN A 25 -7.68 -6.42 -0.37
N GLY A 1 -4.66 -8.67 13.81
CA GLY A 1 -4.52 -7.23 13.86
C GLY A 1 -3.64 -6.70 12.75
N VAL A 2 -3.01 -5.55 12.99
CA VAL A 2 -2.14 -4.93 12.01
C VAL A 2 -0.70 -5.39 12.18
N LYS A 3 -0.02 -5.60 11.06
CA LYS A 3 1.37 -6.05 11.08
C LYS A 3 2.20 -5.18 12.02
N GLY A 4 2.66 -5.77 13.12
CA GLY A 4 3.46 -5.03 14.08
C GLY A 4 2.67 -3.94 14.78
N PHE A 5 3.37 -2.89 15.21
CA PHE A 5 2.73 -1.78 15.90
C PHE A 5 1.63 -1.16 15.04
N ASN A 6 0.83 -0.30 15.64
CA ASN A 6 -0.26 0.37 14.93
C ASN A 6 0.27 1.50 14.06
N CYS A 7 1.14 1.16 13.12
CA CYS A 7 1.73 2.15 12.22
C CYS A 7 1.15 2.02 10.81
N TYR A 8 -0.11 1.60 10.73
CA TYR A 8 -0.77 1.42 9.44
C TYR A 8 -0.90 2.75 8.71
N PHE A 9 0.07 3.04 7.85
CA PHE A 9 0.07 4.28 7.08
C PHE A 9 -0.71 4.13 5.78
N PRO A 10 -1.17 5.25 5.23
CA PRO A 10 -1.94 5.26 3.98
C PRO A 10 -1.08 4.90 2.77
N LEU A 11 0.09 5.52 2.68
CA LEU A 11 1.00 5.26 1.56
C LEU A 11 1.51 3.82 1.60
N GLN A 12 1.53 3.23 2.79
CA GLN A 12 1.99 1.86 2.96
C GLN A 12 0.83 0.88 2.79
N SER A 13 -0.32 1.39 2.34
CA SER A 13 -1.50 0.55 2.14
C SER A 13 -2.25 0.98 0.88
N TYR A 14 -1.52 1.47 -0.10
CA TYR A 14 -2.12 1.92 -1.35
C TYR A 14 -1.08 1.95 -2.48
N GLY A 15 -0.02 1.18 -2.30
CA GLY A 15 1.03 1.14 -3.31
C GLY A 15 1.75 2.46 -3.46
N PHE A 16 1.95 2.88 -4.71
CA PHE A 16 2.62 4.14 -4.99
C PHE A 16 2.70 4.39 -6.50
N GLN A 17 3.06 3.36 -7.25
CA GLN A 17 3.18 3.47 -8.69
C GLN A 17 1.82 3.75 -9.32
N PRO A 18 1.83 4.23 -10.58
CA PRO A 18 0.61 4.55 -11.31
C PRO A 18 -0.17 3.30 -11.71
N THR A 19 0.41 2.13 -11.44
CA THR A 19 -0.23 0.86 -11.76
C THR A 19 -0.52 0.05 -10.50
N TYR A 20 -0.66 0.75 -9.38
CA TYR A 20 -0.93 0.10 -8.11
C TYR A 20 -1.66 1.05 -7.15
N GLY A 21 -2.53 0.49 -6.32
CA GLY A 21 -3.27 1.30 -5.38
C GLY A 21 -4.67 1.64 -5.88
N VAL A 22 -4.81 1.79 -7.19
CA VAL A 22 -6.09 2.12 -7.78
C VAL A 22 -7.05 0.94 -7.73
N GLY A 23 -6.52 -0.22 -7.35
CA GLY A 23 -7.34 -1.42 -7.26
C GLY A 23 -8.52 -1.25 -6.32
N TYR A 24 -9.27 -2.32 -6.11
CA TYR A 24 -10.43 -2.29 -5.24
C TYR A 24 -10.02 -1.96 -3.81
N GLN A 25 -10.77 -1.05 -3.18
CA GLN A 25 -10.48 -0.65 -1.80
C GLN A 25 -11.67 -0.93 -0.89
N GLY A 1 3.56 0.08 16.61
CA GLY A 1 4.95 -0.16 16.91
C GLY A 1 5.88 0.70 16.09
N VAL A 2 5.40 1.18 14.95
CA VAL A 2 6.20 2.03 14.07
C VAL A 2 6.02 3.50 14.42
N LYS A 3 7.11 4.26 14.34
CA LYS A 3 7.08 5.68 14.64
C LYS A 3 5.95 6.37 13.89
N GLY A 4 4.96 6.84 14.64
CA GLY A 4 3.83 7.52 14.03
C GLY A 4 2.54 6.71 14.14
N PHE A 5 1.65 6.90 13.17
CA PHE A 5 0.37 6.20 13.16
C PHE A 5 0.58 4.69 13.18
N ASN A 6 -0.49 3.94 13.40
CA ASN A 6 -0.42 2.49 13.44
C ASN A 6 0.25 1.94 12.18
N CYS A 7 0.57 0.66 12.20
CA CYS A 7 1.23 0.01 11.06
C CYS A 7 0.44 0.25 9.78
N TYR A 8 -0.86 0.42 9.92
CA TYR A 8 -1.73 0.66 8.77
C TYR A 8 -1.58 2.09 8.25
N PHE A 9 -0.54 2.31 7.45
CA PHE A 9 -0.27 3.63 6.88
C PHE A 9 -1.03 3.81 5.57
N PRO A 10 -1.25 5.08 5.19
CA PRO A 10 -1.96 5.43 3.95
C PRO A 10 -1.13 5.09 2.70
N LEU A 11 0.14 5.48 2.72
CA LEU A 11 1.02 5.23 1.58
C LEU A 11 1.54 3.79 1.61
N GLN A 12 1.55 3.19 2.80
CA GLN A 12 2.02 1.82 2.96
C GLN A 12 0.86 0.83 2.79
N SER A 13 -0.29 1.34 2.35
CA SER A 13 -1.47 0.51 2.15
C SER A 13 -2.23 0.94 0.90
N TYR A 14 -1.49 1.44 -0.09
CA TYR A 14 -2.10 1.89 -1.34
C TYR A 14 -1.07 1.93 -2.46
N GLY A 15 -0.01 1.15 -2.30
CA GLY A 15 1.04 1.11 -3.31
C GLY A 15 1.75 2.44 -3.46
N PHE A 16 1.95 2.87 -4.70
CA PHE A 16 2.62 4.14 -4.98
C PHE A 16 2.69 4.39 -6.48
N GLN A 17 3.06 3.36 -7.24
CA GLN A 17 3.17 3.48 -8.69
C GLN A 17 1.81 3.75 -9.31
N PRO A 18 1.82 4.24 -10.57
CA PRO A 18 0.60 4.56 -11.30
C PRO A 18 -0.18 3.31 -11.70
N THR A 19 0.40 2.15 -11.44
CA THR A 19 -0.24 0.87 -11.76
C THR A 19 -0.53 0.07 -10.50
N TYR A 20 0.51 -0.21 -9.72
CA TYR A 20 0.37 -0.98 -8.50
C TYR A 20 -0.56 -0.26 -7.52
N GLY A 21 -0.35 1.04 -7.36
CA GLY A 21 -1.17 1.82 -6.45
C GLY A 21 -2.65 1.77 -6.81
N VAL A 22 -2.93 1.41 -8.05
CA VAL A 22 -4.31 1.32 -8.52
C VAL A 22 -5.02 0.12 -7.91
N GLY A 23 -4.26 -0.75 -7.27
CA GLY A 23 -4.84 -1.93 -6.65
C GLY A 23 -5.89 -1.59 -5.61
N TYR A 24 -6.41 -2.60 -4.94
CA TYR A 24 -7.43 -2.40 -3.92
C TYR A 24 -6.80 -2.11 -2.56
N GLN A 25 -7.63 -1.72 -1.61
CA GLN A 25 -7.16 -1.42 -0.26
C GLN A 25 -7.92 -2.22 0.79
N GLY A 1 -4.64 -10.30 17.05
CA GLY A 1 -5.70 -9.66 17.80
C GLY A 1 -6.89 -9.30 16.93
N VAL A 2 -7.06 -8.00 16.67
CA VAL A 2 -8.16 -7.53 15.84
C VAL A 2 -7.77 -7.47 14.37
N LYS A 3 -8.70 -7.83 13.49
CA LYS A 3 -8.44 -7.81 12.06
C LYS A 3 -7.86 -6.47 11.63
N GLY A 4 -6.59 -6.49 11.22
CA GLY A 4 -5.94 -5.27 10.78
C GLY A 4 -5.75 -4.28 11.91
N PHE A 5 -4.90 -3.28 11.70
CA PHE A 5 -4.62 -2.27 12.70
C PHE A 5 -5.02 -0.88 12.21
N ASN A 6 -5.05 0.09 13.12
CA ASN A 6 -5.42 1.46 12.77
C ASN A 6 -4.22 2.39 12.93
N CYS A 7 -3.02 1.84 12.76
CA CYS A 7 -1.80 2.63 12.88
C CYS A 7 -1.05 2.66 11.55
N TYR A 8 -1.25 1.63 10.74
CA TYR A 8 -0.60 1.54 9.44
C TYR A 8 -0.81 2.83 8.63
N PHE A 9 0.24 3.26 7.94
CA PHE A 9 0.17 4.47 7.13
C PHE A 9 -0.62 4.21 5.84
N PRO A 10 -1.13 5.30 5.25
CA PRO A 10 -1.92 5.22 4.01
C PRO A 10 -1.06 4.86 2.81
N LEU A 11 0.08 5.53 2.67
CA LEU A 11 0.99 5.27 1.56
C LEU A 11 1.50 3.83 1.60
N GLN A 12 1.51 3.24 2.79
CA GLN A 12 1.97 1.87 2.95
C GLN A 12 0.82 0.89 2.78
N SER A 13 -0.32 1.39 2.33
CA SER A 13 -1.50 0.55 2.14
C SER A 13 -2.26 0.97 0.88
N TYR A 14 -1.52 1.48 -0.11
CA TYR A 14 -2.12 1.92 -1.36
C TYR A 14 -1.09 1.95 -2.48
N GLY A 15 -0.02 1.18 -2.31
CA GLY A 15 1.03 1.14 -3.31
C GLY A 15 1.75 2.46 -3.47
N PHE A 16 1.94 2.89 -4.72
CA PHE A 16 2.62 4.15 -4.99
C PHE A 16 2.70 4.40 -6.50
N GLN A 17 3.06 3.36 -7.25
CA GLN A 17 3.18 3.47 -8.69
C GLN A 17 1.82 3.75 -9.33
N PRO A 18 1.84 4.23 -10.58
CA PRO A 18 0.61 4.54 -11.32
C PRO A 18 -0.16 3.29 -11.72
N THR A 19 0.42 2.13 -11.44
CA THR A 19 -0.22 0.86 -11.76
C THR A 19 -0.50 0.04 -10.51
N TYR A 20 -0.64 0.74 -9.39
CA TYR A 20 -0.92 0.09 -8.11
C TYR A 20 -1.52 1.07 -7.11
N GLY A 21 -2.82 0.93 -6.86
CA GLY A 21 -3.50 1.81 -5.93
C GLY A 21 -4.04 3.06 -6.61
N VAL A 22 -3.22 3.70 -7.41
CA VAL A 22 -3.61 4.92 -8.12
C VAL A 22 -4.46 4.59 -9.34
N GLY A 23 -4.51 3.30 -9.70
CA GLY A 23 -5.28 2.87 -10.85
C GLY A 23 -4.41 2.39 -11.99
N TYR A 24 -4.87 2.62 -13.22
CA TYR A 24 -4.13 2.19 -14.40
C TYR A 24 -2.88 3.05 -14.60
N GLN A 25 -1.83 2.44 -15.14
CA GLN A 25 -0.58 3.15 -15.38
C GLN A 25 -0.83 4.43 -16.18
N GLY A 1 -7.89 6.38 18.59
CA GLY A 1 -6.53 6.51 18.10
C GLY A 1 -5.62 5.42 18.60
N VAL A 2 -4.63 5.04 17.79
CA VAL A 2 -3.69 3.99 18.15
C VAL A 2 -2.47 4.58 18.84
N LYS A 3 -1.97 3.87 19.86
CA LYS A 3 -0.80 4.32 20.60
C LYS A 3 0.33 4.69 19.67
N GLY A 4 0.66 5.97 19.60
CA GLY A 4 1.73 6.43 18.74
C GLY A 4 1.38 6.33 17.27
N PHE A 5 2.39 6.36 16.42
CA PHE A 5 2.18 6.27 14.97
C PHE A 5 1.84 4.84 14.57
N ASN A 6 0.57 4.59 14.31
CA ASN A 6 0.11 3.27 13.91
C ASN A 6 0.93 2.73 12.73
N CYS A 7 0.85 1.43 12.50
CA CYS A 7 1.58 0.81 11.41
C CYS A 7 0.79 0.87 10.10
N TYR A 8 -0.53 0.95 10.23
CA TYR A 8 -1.40 1.02 9.06
C TYR A 8 -1.37 2.41 8.43
N PHE A 9 -0.34 2.66 7.61
CA PHE A 9 -0.19 3.95 6.96
C PHE A 9 -0.94 3.97 5.63
N PRO A 10 -1.27 5.18 5.16
CA PRO A 10 -1.99 5.36 3.89
C PRO A 10 -1.13 5.02 2.67
N LEU A 11 0.09 5.51 2.66
CA LEU A 11 1.01 5.24 1.56
C LEU A 11 1.52 3.81 1.60
N GLN A 12 1.52 3.23 2.80
CA GLN A 12 1.98 1.85 2.97
C GLN A 12 0.83 0.88 2.80
N SER A 13 -0.31 1.37 2.34
CA SER A 13 -1.49 0.53 2.13
C SER A 13 -2.23 0.95 0.87
N TYR A 14 -1.49 1.45 -0.11
CA TYR A 14 -2.07 1.88 -1.37
C TYR A 14 -1.03 1.91 -2.49
N GLY A 15 0.04 1.13 -2.30
CA GLY A 15 1.10 1.08 -3.29
C GLY A 15 1.81 2.42 -3.45
N PHE A 16 2.02 2.83 -4.70
CA PHE A 16 2.70 4.10 -4.98
C PHE A 16 2.75 4.36 -6.49
N GLN A 17 3.07 3.32 -7.25
CA GLN A 17 3.15 3.44 -8.70
C GLN A 17 1.78 3.75 -9.30
N PRO A 18 1.78 4.25 -10.54
CA PRO A 18 0.54 4.59 -11.25
C PRO A 18 -0.27 3.37 -11.64
N THR A 19 0.30 2.19 -11.40
CA THR A 19 -0.38 0.93 -11.72
C THR A 19 -1.13 0.39 -10.50
N TYR A 20 -0.51 0.51 -9.34
CA TYR A 20 -1.12 0.02 -8.10
C TYR A 20 -1.95 1.11 -7.43
N GLY A 21 -1.55 2.36 -7.65
CA GLY A 21 -2.28 3.48 -7.06
C GLY A 21 -3.73 3.50 -7.48
N VAL A 22 -4.04 2.84 -8.59
CA VAL A 22 -5.42 2.79 -9.08
C VAL A 22 -6.30 1.94 -8.19
N GLY A 23 -5.68 1.21 -7.26
CA GLY A 23 -6.43 0.37 -6.35
C GLY A 23 -6.19 -1.10 -6.59
N TYR A 24 -7.24 -1.90 -6.44
CA TYR A 24 -7.14 -3.34 -6.65
C TYR A 24 -6.51 -3.66 -8.01
N GLN A 25 -5.90 -4.83 -8.11
CA GLN A 25 -5.25 -5.25 -9.36
C GLN A 25 -5.81 -6.60 -9.82
N GLY A 1 -0.30 -10.23 11.79
CA GLY A 1 -1.41 -9.68 12.54
C GLY A 1 -0.95 -8.80 13.69
N VAL A 2 -1.12 -7.49 13.53
CA VAL A 2 -0.72 -6.55 14.56
C VAL A 2 -1.87 -6.26 15.52
N LYS A 3 -1.54 -6.13 16.81
CA LYS A 3 -2.55 -5.85 17.82
C LYS A 3 -3.43 -4.68 17.41
N GLY A 4 -4.70 -4.98 17.15
CA GLY A 4 -5.63 -3.94 16.76
C GLY A 4 -5.53 -3.59 15.28
N PHE A 5 -6.53 -2.89 14.77
CA PHE A 5 -6.55 -2.49 13.36
C PHE A 5 -6.49 -0.97 13.22
N ASN A 6 -5.31 -0.40 13.46
CA ASN A 6 -5.13 1.04 13.35
C ASN A 6 -3.65 1.38 13.22
N CYS A 7 -2.88 0.46 12.66
CA CYS A 7 -1.44 0.67 12.48
C CYS A 7 -1.11 0.83 10.99
N TYR A 8 -1.95 0.25 10.14
CA TYR A 8 -1.74 0.32 8.70
C TYR A 8 -1.54 1.76 8.25
N PHE A 9 -0.50 2.00 7.46
CA PHE A 9 -0.19 3.33 6.96
C PHE A 9 -0.94 3.59 5.65
N PRO A 10 -1.12 4.88 5.32
CA PRO A 10 -1.81 5.30 4.09
C PRO A 10 -0.99 5.01 2.85
N LEU A 11 0.29 5.36 2.88
CA LEU A 11 1.18 5.13 1.74
C LEU A 11 1.61 3.67 1.68
N GLN A 12 1.60 3.00 2.83
CA GLN A 12 2.00 1.60 2.90
C GLN A 12 0.79 0.69 2.69
N SER A 13 -0.33 1.27 2.29
CA SER A 13 -1.55 0.52 2.05
C SER A 13 -2.30 1.06 0.83
N TYR A 14 -1.55 1.59 -0.12
CA TYR A 14 -2.14 2.14 -1.34
C TYR A 14 -1.11 2.19 -2.47
N GLY A 15 -0.08 1.35 -2.37
CA GLY A 15 0.94 1.32 -3.39
C GLY A 15 1.73 2.62 -3.47
N PHE A 16 1.93 3.11 -4.69
CA PHE A 16 2.67 4.35 -4.89
C PHE A 16 2.74 4.69 -6.38
N GLN A 17 2.84 3.66 -7.22
CA GLN A 17 2.92 3.86 -8.66
C GLN A 17 1.54 3.72 -9.30
N PRO A 18 1.41 4.25 -10.52
CA PRO A 18 0.15 4.21 -11.27
C PRO A 18 -0.19 2.80 -11.75
N THR A 19 -0.63 1.96 -10.81
CA THR A 19 -0.99 0.58 -11.13
C THR A 19 0.21 -0.21 -11.60
N TYR A 20 1.33 -0.05 -10.91
CA TYR A 20 2.56 -0.75 -11.26
C TYR A 20 3.02 -1.66 -10.13
N GLY A 21 3.44 -1.07 -9.02
CA GLY A 21 3.90 -1.84 -7.88
C GLY A 21 2.85 -2.83 -7.41
N VAL A 22 1.74 -2.32 -6.91
CA VAL A 22 0.66 -3.17 -6.41
C VAL A 22 -0.69 -2.74 -6.99
N GLY A 23 -0.72 -2.49 -8.29
CA GLY A 23 -1.94 -2.07 -8.94
C GLY A 23 -3.06 -3.08 -8.76
N TYR A 24 -4.20 -2.82 -9.40
CA TYR A 24 -5.35 -3.71 -9.29
C TYR A 24 -5.11 -5.00 -10.07
N GLN A 25 -6.01 -5.95 -9.91
CA GLN A 25 -5.90 -7.24 -10.59
C GLN A 25 -5.70 -7.04 -12.09
N GLY A 1 10.41 -5.27 -0.72
CA GLY A 1 10.96 -6.49 -0.15
C GLY A 1 9.93 -7.59 -0.02
N VAL A 2 9.05 -7.44 0.97
CA VAL A 2 8.00 -8.44 1.20
C VAL A 2 6.74 -8.09 0.43
N LYS A 3 6.07 -9.11 -0.10
CA LYS A 3 4.84 -8.92 -0.86
C LYS A 3 3.86 -8.04 -0.09
N GLY A 4 3.62 -6.84 -0.61
CA GLY A 4 2.71 -5.92 0.04
C GLY A 4 3.34 -5.21 1.22
N PHE A 5 2.67 -4.15 1.69
CA PHE A 5 3.18 -3.38 2.82
C PHE A 5 2.23 -3.47 4.01
N ASN A 6 2.70 -3.02 5.16
CA ASN A 6 1.88 -3.04 6.38
C ASN A 6 0.57 -2.31 6.17
N CYS A 7 -0.36 -2.49 7.11
CA CYS A 7 -1.66 -1.84 7.03
C CYS A 7 -1.77 -0.71 8.04
N TYR A 8 -0.64 -0.11 8.38
CA TYR A 8 -0.60 0.99 9.33
C TYR A 8 -0.74 2.33 8.62
N PHE A 9 0.32 2.75 7.95
CA PHE A 9 0.32 4.01 7.23
C PHE A 9 -0.48 3.91 5.95
N PRO A 10 -0.94 5.06 5.43
CA PRO A 10 -1.74 5.13 4.20
C PRO A 10 -0.92 4.79 2.97
N LEU A 11 0.26 5.40 2.87
CA LEU A 11 1.14 5.16 1.73
C LEU A 11 1.58 3.70 1.67
N GLN A 12 1.57 3.04 2.82
CA GLN A 12 1.96 1.63 2.89
C GLN A 12 0.76 0.73 2.67
N SER A 13 -0.37 1.32 2.27
CA SER A 13 -1.59 0.57 2.04
C SER A 13 -2.33 1.11 0.82
N TYR A 14 -1.58 1.63 -0.14
CA TYR A 14 -2.17 2.18 -1.36
C TYR A 14 -1.15 2.23 -2.49
N GLY A 15 -0.12 1.39 -2.38
CA GLY A 15 0.92 1.36 -3.40
C GLY A 15 1.70 2.66 -3.49
N PHE A 16 1.90 3.15 -4.70
CA PHE A 16 2.64 4.38 -4.92
C PHE A 16 2.71 4.73 -6.40
N GLN A 17 2.85 3.70 -7.23
CA GLN A 17 2.94 3.89 -8.67
C GLN A 17 1.57 3.71 -9.33
N PRO A 18 1.43 4.24 -10.55
CA PRO A 18 0.18 4.15 -11.31
C PRO A 18 -0.12 2.72 -11.78
N THR A 19 -0.53 1.87 -10.85
CA THR A 19 -0.85 0.49 -11.17
C THR A 19 0.39 -0.26 -11.63
N TYR A 20 1.49 -0.08 -10.91
CA TYR A 20 2.75 -0.74 -11.26
C TYR A 20 3.48 -1.20 -10.00
N GLY A 21 3.49 -0.35 -8.98
CA GLY A 21 4.16 -0.69 -7.73
C GLY A 21 3.70 -2.02 -7.18
N VAL A 22 2.43 -2.11 -6.84
CA VAL A 22 1.86 -3.34 -6.28
C VAL A 22 0.42 -3.54 -6.74
N GLY A 23 0.25 -3.79 -8.03
CA GLY A 23 -1.09 -4.00 -8.58
C GLY A 23 -1.82 -5.14 -7.90
N TYR A 24 -3.01 -5.45 -8.39
CA TYR A 24 -3.82 -6.52 -7.82
C TYR A 24 -4.15 -6.25 -6.35
N GLN A 25 -5.25 -5.54 -6.12
CA GLN A 25 -5.68 -5.22 -4.77
C GLN A 25 -7.09 -5.73 -4.50
N GLY A 1 5.45 0.69 -2.29
CA GLY A 1 6.83 1.13 -2.31
C GLY A 1 7.75 0.18 -1.56
N VAL A 2 7.38 -0.15 -0.33
CA VAL A 2 8.18 -1.05 0.49
C VAL A 2 7.75 -2.50 0.30
N LYS A 3 8.72 -3.40 0.29
CA LYS A 3 8.44 -4.82 0.12
C LYS A 3 7.35 -5.29 1.08
N GLY A 4 6.20 -5.63 0.53
CA GLY A 4 5.10 -6.10 1.36
C GLY A 4 4.04 -5.02 1.56
N PHE A 5 2.88 -5.42 2.06
CA PHE A 5 1.79 -4.49 2.31
C PHE A 5 1.43 -4.44 3.78
N ASN A 6 0.82 -3.34 4.20
CA ASN A 6 0.43 -3.16 5.60
C ASN A 6 -0.85 -2.33 5.70
N CYS A 7 -1.52 -2.43 6.84
CA CYS A 7 -2.76 -1.69 7.07
C CYS A 7 -2.56 -0.63 8.14
N TYR A 8 -1.32 -0.16 8.28
CA TYR A 8 -0.99 0.87 9.26
C TYR A 8 -1.01 2.26 8.63
N PHE A 9 0.00 2.55 7.81
CA PHE A 9 0.09 3.83 7.14
C PHE A 9 -0.68 3.83 5.83
N PRO A 10 -1.05 5.03 5.36
CA PRO A 10 -1.81 5.19 4.11
C PRO A 10 -0.96 4.86 2.88
N LEU A 11 0.25 5.40 2.84
CA LEU A 11 1.16 5.16 1.72
C LEU A 11 1.59 3.70 1.66
N GLN A 12 1.57 3.03 2.82
CA GLN A 12 1.96 1.64 2.91
C GLN A 12 0.75 0.72 2.69
N SER A 13 -0.36 1.32 2.28
CA SER A 13 -1.58 0.56 2.03
C SER A 13 -2.32 1.09 0.81
N TYR A 14 -1.56 1.61 -0.15
CA TYR A 14 -2.14 2.15 -1.38
C TYR A 14 -1.11 2.20 -2.50
N GLY A 15 -0.07 1.36 -2.37
CA GLY A 15 0.97 1.32 -3.38
C GLY A 15 1.74 2.62 -3.47
N PHE A 16 1.97 3.10 -4.69
CA PHE A 16 2.71 4.33 -4.90
C PHE A 16 2.76 4.69 -6.39
N GLN A 17 2.86 3.67 -7.22
CA GLN A 17 2.92 3.87 -8.67
C GLN A 17 1.54 3.72 -9.30
N PRO A 18 1.38 4.26 -10.51
CA PRO A 18 0.12 4.21 -11.25
C PRO A 18 -0.21 2.79 -11.73
N THR A 19 -0.63 1.94 -10.79
CA THR A 19 -0.98 0.57 -11.12
C THR A 19 0.24 -0.20 -11.61
N TYR A 20 1.36 -0.06 -10.91
CA TYR A 20 2.59 -0.73 -11.28
C TYR A 20 3.17 -1.51 -10.09
N GLY A 21 3.43 -0.79 -9.00
CA GLY A 21 3.97 -1.41 -7.82
C GLY A 21 3.01 -2.39 -7.18
N VAL A 22 1.72 -2.20 -7.44
CA VAL A 22 0.69 -3.07 -6.87
C VAL A 22 0.29 -4.15 -7.87
N GLY A 23 1.20 -4.48 -8.78
CA GLY A 23 0.92 -5.49 -9.78
C GLY A 23 0.55 -6.82 -9.16
N TYR A 24 0.35 -7.83 -10.00
CA TYR A 24 0.00 -9.17 -9.54
C TYR A 24 -1.22 -9.11 -8.61
N GLN A 25 -2.40 -9.19 -9.20
CA GLN A 25 -3.64 -9.14 -8.43
C GLN A 25 -4.58 -10.29 -8.83
N GLY A 1 -1.27 -13.31 -1.33
CA GLY A 1 -1.29 -12.46 -0.16
C GLY A 1 -1.75 -11.05 -0.47
N VAL A 2 -1.60 -10.15 0.50
CA VAL A 2 -1.99 -8.76 0.32
C VAL A 2 -0.84 -7.92 -0.20
N LYS A 3 -1.14 -6.99 -1.09
CA LYS A 3 -0.12 -6.12 -1.67
C LYS A 3 0.75 -5.50 -0.58
N GLY A 4 2.00 -5.89 -0.54
CA GLY A 4 2.92 -5.36 0.45
C GLY A 4 2.65 -5.91 1.84
N PHE A 5 3.61 -5.73 2.74
CA PHE A 5 3.47 -6.21 4.11
C PHE A 5 3.48 -5.05 5.10
N ASN A 6 2.37 -4.33 5.17
CA ASN A 6 2.25 -3.19 6.08
C ASN A 6 0.87 -2.55 5.97
N CYS A 7 0.08 -2.67 7.03
CA CYS A 7 -1.27 -2.10 7.05
C CYS A 7 -1.37 -0.99 8.09
N TYR A 8 -0.25 -0.32 8.36
CA TYR A 8 -0.21 0.75 9.33
C TYR A 8 -0.37 2.11 8.66
N PHE A 9 0.68 2.56 7.98
CA PHE A 9 0.66 3.84 7.29
C PHE A 9 -0.21 3.78 6.04
N PRO A 10 -0.67 4.94 5.58
CA PRO A 10 -1.53 5.04 4.39
C PRO A 10 -0.77 4.72 3.11
N LEU A 11 0.41 5.32 2.97
CA LEU A 11 1.23 5.10 1.78
C LEU A 11 1.63 3.64 1.64
N GLN A 12 1.65 2.93 2.78
CA GLN A 12 2.01 1.51 2.79
C GLN A 12 0.77 0.65 2.60
N SER A 13 -0.35 1.28 2.26
CA SER A 13 -1.60 0.56 2.06
C SER A 13 -2.39 1.17 0.90
N TYR A 14 -1.67 1.70 -0.08
CA TYR A 14 -2.29 2.31 -1.24
C TYR A 14 -1.33 2.37 -2.41
N GLY A 15 -0.31 1.51 -2.39
CA GLY A 15 0.68 1.48 -3.45
C GLY A 15 1.48 2.76 -3.52
N PHE A 16 1.65 3.28 -4.74
CA PHE A 16 2.41 4.51 -4.94
C PHE A 16 2.42 4.91 -6.42
N GLN A 17 2.86 3.98 -7.26
CA GLN A 17 2.94 4.23 -8.69
C GLN A 17 1.68 3.70 -9.41
N PRO A 18 1.44 4.20 -10.62
CA PRO A 18 0.28 3.80 -11.41
C PRO A 18 0.40 2.36 -11.93
N THR A 19 0.21 1.40 -11.03
CA THR A 19 0.30 -0.01 -11.39
C THR A 19 1.72 -0.38 -11.82
N TYR A 20 2.71 0.08 -11.07
CA TYR A 20 4.10 -0.19 -11.38
C TYR A 20 4.92 -0.38 -10.11
N GLY A 21 5.45 -1.59 -9.92
CA GLY A 21 6.25 -1.88 -8.75
C GLY A 21 5.56 -2.86 -7.82
N VAL A 22 4.48 -2.41 -7.19
CA VAL A 22 3.72 -3.26 -6.27
C VAL A 22 2.23 -3.25 -6.59
N GLY A 23 1.92 -2.99 -7.86
CA GLY A 23 0.53 -2.95 -8.28
C GLY A 23 -0.32 -2.03 -7.43
N TYR A 24 -1.62 -2.26 -7.41
CA TYR A 24 -2.54 -1.44 -6.64
C TYR A 24 -3.89 -2.12 -6.49
N GLN A 25 -4.31 -2.34 -5.25
CA GLN A 25 -5.58 -2.99 -4.97
C GLN A 25 -6.74 -2.21 -5.60
N GLY A 1 -5.27 -9.13 13.26
CA GLY A 1 -5.49 -7.71 13.03
C GLY A 1 -4.57 -7.15 11.95
N VAL A 2 -3.84 -6.10 12.30
CA VAL A 2 -2.92 -5.47 11.37
C VAL A 2 -1.52 -6.09 11.47
N LYS A 3 -0.87 -6.25 10.32
CA LYS A 3 0.48 -6.82 10.28
C LYS A 3 1.39 -6.13 11.28
N GLY A 4 1.79 -6.86 12.32
CA GLY A 4 2.66 -6.30 13.33
C GLY A 4 2.00 -5.20 14.12
N PHE A 5 2.79 -4.26 14.62
CA PHE A 5 2.28 -3.15 15.40
C PHE A 5 1.24 -2.36 14.61
N ASN A 6 0.54 -1.46 15.30
CA ASN A 6 -0.48 -0.64 14.65
C ASN A 6 0.15 0.49 13.86
N CYS A 7 0.97 0.14 12.88
CA CYS A 7 1.64 1.14 12.05
C CYS A 7 1.04 1.17 10.65
N TYR A 8 -0.25 0.87 10.56
CA TYR A 8 -0.95 0.86 9.28
C TYR A 8 -0.96 2.25 8.65
N PHE A 9 0.03 2.54 7.81
CA PHE A 9 0.13 3.82 7.15
C PHE A 9 -0.66 3.83 5.84
N PRO A 10 -1.03 5.03 5.38
CA PRO A 10 -1.79 5.20 4.13
C PRO A 10 -0.96 4.87 2.89
N LEU A 11 0.25 5.39 2.84
CA LEU A 11 1.15 5.16 1.72
C LEU A 11 1.58 3.70 1.67
N GLN A 12 1.56 3.05 2.82
CA GLN A 12 1.96 1.64 2.91
C GLN A 12 0.75 0.73 2.68
N SER A 13 -0.36 1.32 2.28
CA SER A 13 -1.58 0.56 2.03
C SER A 13 -2.32 1.09 0.81
N TYR A 14 -1.56 1.61 -0.15
CA TYR A 14 -2.14 2.15 -1.37
C TYR A 14 -1.10 2.19 -2.50
N GLY A 15 -0.08 1.37 -2.38
CA GLY A 15 0.97 1.32 -3.38
C GLY A 15 1.74 2.62 -3.47
N PHE A 16 1.96 3.09 -4.69
CA PHE A 16 2.70 4.34 -4.90
C PHE A 16 2.76 4.69 -6.39
N GLN A 17 2.86 3.67 -7.22
CA GLN A 17 2.92 3.87 -8.67
C GLN A 17 1.54 3.72 -9.30
N PRO A 18 1.39 4.26 -10.52
CA PRO A 18 0.13 4.21 -11.26
C PRO A 18 -0.20 2.80 -11.73
N THR A 19 -0.63 1.95 -10.80
CA THR A 19 -0.98 0.56 -11.12
C THR A 19 0.23 -0.21 -11.62
N TYR A 20 1.36 -0.04 -10.92
CA TYR A 20 2.58 -0.72 -11.30
C TYR A 20 2.93 -1.82 -10.29
N GLY A 21 3.29 -1.40 -9.06
CA GLY A 21 3.63 -2.36 -8.04
C GLY A 21 2.41 -2.88 -7.30
N VAL A 22 1.49 -1.99 -6.98
CA VAL A 22 0.26 -2.37 -6.28
C VAL A 22 -0.82 -2.82 -7.25
N GLY A 23 -0.56 -2.62 -8.54
CA GLY A 23 -1.52 -3.01 -9.55
C GLY A 23 -2.87 -2.34 -9.38
N TYR A 24 -3.94 -3.07 -9.65
CA TYR A 24 -5.29 -2.53 -9.53
C TYR A 24 -5.58 -2.13 -8.08
N GLN A 25 -6.16 -0.94 -7.90
CA GLN A 25 -6.49 -0.44 -6.58
C GLN A 25 -7.91 0.10 -6.54
N GLY A 1 10.32 1.59 -0.73
CA GLY A 1 11.74 1.28 -0.68
C GLY A 1 12.03 0.02 0.10
N VAL A 2 11.20 -0.24 1.11
CA VAL A 2 11.37 -1.42 1.95
C VAL A 2 10.59 -2.61 1.40
N LYS A 3 11.17 -3.79 1.50
CA LYS A 3 10.52 -5.01 1.01
C LYS A 3 9.10 -5.12 1.55
N GLY A 4 8.12 -5.00 0.66
CA GLY A 4 6.73 -5.08 1.07
C GLY A 4 6.31 -3.93 1.97
N PHE A 5 5.01 -3.75 2.11
CA PHE A 5 4.48 -2.67 2.94
C PHE A 5 3.67 -3.23 4.11
N ASN A 6 3.33 -2.36 5.06
CA ASN A 6 2.54 -2.77 6.22
C ASN A 6 1.13 -2.24 6.13
N CYS A 7 0.35 -2.48 7.19
CA CYS A 7 -1.04 -2.02 7.23
C CYS A 7 -1.21 -0.89 8.24
N TYR A 8 -0.14 -0.15 8.49
CA TYR A 8 -0.17 0.96 9.43
C TYR A 8 -0.37 2.28 8.70
N PHE A 9 0.68 2.76 8.04
CA PHE A 9 0.61 4.02 7.31
C PHE A 9 -0.24 3.87 6.05
N PRO A 10 -0.74 5.01 5.55
CA PRO A 10 -1.58 5.04 4.35
C PRO A 10 -0.81 4.71 3.09
N LEU A 11 0.35 5.35 2.94
CA LEU A 11 1.20 5.13 1.77
C LEU A 11 1.60 3.66 1.65
N GLN A 12 1.62 2.97 2.78
CA GLN A 12 1.99 1.55 2.81
C GLN A 12 0.76 0.67 2.61
N SER A 13 -0.37 1.29 2.26
CA SER A 13 -1.61 0.57 2.05
C SER A 13 -2.37 1.15 0.87
N TYR A 14 -1.65 1.68 -0.11
CA TYR A 14 -2.26 2.27 -1.29
C TYR A 14 -1.27 2.34 -2.45
N GLY A 15 -0.25 1.48 -2.40
CA GLY A 15 0.75 1.45 -3.44
C GLY A 15 1.55 2.74 -3.52
N PHE A 16 1.73 3.25 -4.73
CA PHE A 16 2.48 4.49 -4.93
C PHE A 16 2.52 4.86 -6.41
N GLN A 17 2.87 3.89 -7.25
CA GLN A 17 2.95 4.13 -8.69
C GLN A 17 1.66 3.70 -9.38
N PRO A 18 1.43 4.21 -10.60
CA PRO A 18 0.24 3.90 -11.38
C PRO A 18 0.23 2.45 -11.88
N THR A 19 -0.03 1.52 -10.97
CA THR A 19 -0.07 0.11 -11.32
C THR A 19 1.31 -0.38 -11.77
N TYR A 20 2.34 0.00 -11.02
CA TYR A 20 3.70 -0.40 -11.34
C TYR A 20 4.38 -1.04 -10.14
N GLY A 21 4.36 -2.38 -10.10
CA GLY A 21 4.98 -3.09 -9.01
C GLY A 21 3.98 -3.42 -7.91
N VAL A 22 3.06 -2.50 -7.64
CA VAL A 22 2.06 -2.69 -6.62
C VAL A 22 0.75 -3.20 -7.20
N GLY A 23 0.66 -3.20 -8.53
CA GLY A 23 -0.53 -3.67 -9.20
C GLY A 23 -0.89 -5.10 -8.83
N TYR A 24 -1.93 -5.64 -9.46
CA TYR A 24 -2.37 -7.00 -9.19
C TYR A 24 -2.21 -7.88 -10.43
N GLN A 25 -2.40 -9.18 -10.26
CA GLN A 25 -2.28 -10.12 -11.36
C GLN A 25 -3.13 -9.68 -12.54
N GLY A 1 5.02 -1.80 13.47
CA GLY A 1 6.07 -0.94 13.97
C GLY A 1 7.45 -1.43 13.60
N VAL A 2 7.61 -1.84 12.34
CA VAL A 2 8.89 -2.32 11.84
C VAL A 2 9.73 -1.20 11.25
N LYS A 3 11.04 -1.25 11.50
CA LYS A 3 11.95 -0.23 11.00
C LYS A 3 11.73 0.01 9.51
N GLY A 4 11.23 1.19 9.17
CA GLY A 4 10.99 1.52 7.78
C GLY A 4 9.51 1.64 7.46
N PHE A 5 9.14 1.36 6.22
CA PHE A 5 7.75 1.45 5.79
C PHE A 5 6.87 0.54 6.64
N ASN A 6 5.88 1.14 7.29
CA ASN A 6 4.95 0.39 8.15
C ASN A 6 3.59 0.27 7.48
N CYS A 7 3.06 -0.95 7.45
CA CYS A 7 1.75 -1.20 6.85
C CYS A 7 0.68 -0.33 7.49
N TYR A 8 0.91 0.07 8.73
CA TYR A 8 -0.03 0.90 9.46
C TYR A 8 -0.24 2.24 8.76
N PHE A 9 0.79 2.68 8.04
CA PHE A 9 0.73 3.95 7.31
C PHE A 9 -0.15 3.82 6.07
N PRO A 10 -0.66 4.96 5.59
CA PRO A 10 -1.52 5.01 4.41
C PRO A 10 -0.75 4.69 3.12
N LEU A 11 0.40 5.32 2.96
CA LEU A 11 1.23 5.11 1.77
C LEU A 11 1.62 3.64 1.65
N GLN A 12 1.65 2.94 2.77
CA GLN A 12 2.01 1.52 2.78
C GLN A 12 0.77 0.65 2.59
N SER A 13 -0.35 1.29 2.27
CA SER A 13 -1.60 0.56 2.06
C SER A 13 -2.39 1.17 0.90
N TYR A 14 -1.67 1.70 -0.08
CA TYR A 14 -2.31 2.32 -1.25
C TYR A 14 -1.33 2.38 -2.42
N GLY A 15 -0.32 1.51 -2.39
CA GLY A 15 0.66 1.49 -3.45
C GLY A 15 1.48 2.77 -3.53
N PHE A 16 1.64 3.29 -4.74
CA PHE A 16 2.40 4.53 -4.95
C PHE A 16 2.41 4.91 -6.42
N GLN A 17 2.87 3.99 -7.27
CA GLN A 17 2.94 4.24 -8.70
C GLN A 17 1.70 3.70 -9.41
N PRO A 18 1.44 4.20 -10.62
CA PRO A 18 0.29 3.78 -11.43
C PRO A 18 0.43 2.35 -11.93
N THR A 19 0.25 1.39 -11.03
CA THR A 19 0.35 -0.03 -11.39
C THR A 19 1.76 -0.37 -11.85
N TYR A 20 2.75 0.12 -11.10
CA TYR A 20 4.15 -0.14 -11.43
C TYR A 20 4.89 -0.73 -10.23
N GLY A 21 5.15 -2.03 -10.29
CA GLY A 21 5.85 -2.70 -9.20
C GLY A 21 4.92 -3.10 -8.08
N VAL A 22 4.44 -2.12 -7.32
CA VAL A 22 3.54 -2.37 -6.21
C VAL A 22 2.14 -2.71 -6.71
N GLY A 23 1.90 -2.49 -8.00
CA GLY A 23 0.61 -2.77 -8.57
C GLY A 23 0.20 -4.22 -8.39
N TYR A 24 -0.96 -4.59 -8.95
CA TYR A 24 -1.46 -5.95 -8.84
C TYR A 24 -0.40 -6.96 -9.27
N GLN A 25 -0.67 -8.23 -9.02
CA GLN A 25 0.25 -9.30 -9.38
C GLN A 25 0.66 -9.20 -10.84
N GLY A 1 -9.69 -8.37 11.35
CA GLY A 1 -8.83 -9.28 10.60
C GLY A 1 -7.96 -8.55 9.60
N VAL A 2 -7.32 -7.49 10.05
CA VAL A 2 -6.44 -6.70 9.18
C VAL A 2 -5.01 -7.21 9.23
N LYS A 3 -4.34 -7.21 8.08
CA LYS A 3 -2.96 -7.67 8.00
C LYS A 3 -2.10 -7.01 9.07
N GLY A 4 -1.65 -7.82 10.03
CA GLY A 4 -0.81 -7.30 11.10
C GLY A 4 -1.57 -6.35 12.01
N PHE A 5 -0.85 -5.41 12.61
CA PHE A 5 -1.46 -4.44 13.51
C PHE A 5 -2.56 -3.65 12.80
N ASN A 6 -3.34 -2.90 13.58
CA ASN A 6 -4.41 -2.10 13.03
C ASN A 6 -3.96 -0.66 12.80
N CYS A 7 -2.67 -0.48 12.58
CA CYS A 7 -2.11 0.85 12.34
C CYS A 7 -1.57 0.97 10.92
N TYR A 8 -2.25 0.31 9.98
CA TYR A 8 -1.84 0.35 8.59
C TYR A 8 -1.66 1.79 8.10
N PHE A 9 -0.53 2.05 7.45
CA PHE A 9 -0.23 3.38 6.94
C PHE A 9 -0.96 3.64 5.63
N PRO A 10 -1.15 4.92 5.29
CA PRO A 10 -1.83 5.33 4.06
C PRO A 10 -1.01 5.02 2.82
N LEU A 11 0.27 5.38 2.86
CA LEU A 11 1.17 5.14 1.72
C LEU A 11 1.60 3.68 1.68
N GLN A 12 1.59 3.03 2.83
CA GLN A 12 1.99 1.63 2.91
C GLN A 12 0.79 0.71 2.71
N SER A 13 -0.33 1.30 2.29
CA SER A 13 -1.55 0.53 2.06
C SER A 13 -2.29 1.06 0.83
N TYR A 14 -1.54 1.57 -0.13
CA TYR A 14 -2.12 2.11 -1.35
C TYR A 14 -1.09 2.16 -2.47
N GLY A 15 -0.06 1.33 -2.36
CA GLY A 15 0.99 1.29 -3.37
C GLY A 15 1.75 2.58 -3.46
N PHE A 16 1.97 3.07 -4.68
CA PHE A 16 2.70 4.31 -4.90
C PHE A 16 2.75 4.66 -6.38
N GLN A 17 2.85 3.63 -7.22
CA GLN A 17 2.91 3.83 -8.66
C GLN A 17 1.53 3.68 -9.29
N PRO A 18 1.34 4.31 -10.46
CA PRO A 18 0.08 4.26 -11.19
C PRO A 18 -0.21 2.88 -11.78
N THR A 19 -0.57 1.94 -10.91
CA THR A 19 -0.86 0.58 -11.33
C THR A 19 0.35 -0.08 -11.98
N TYR A 20 1.45 -0.09 -11.24
CA TYR A 20 2.69 -0.69 -11.75
C TYR A 20 3.38 -1.50 -10.65
N GLY A 21 2.60 -2.00 -9.70
CA GLY A 21 3.15 -2.80 -8.62
C GLY A 21 2.22 -3.90 -8.18
N VAL A 22 0.92 -3.60 -8.13
CA VAL A 22 -0.08 -4.58 -7.72
C VAL A 22 -0.74 -5.22 -8.93
N GLY A 23 -0.47 -4.67 -10.12
CA GLY A 23 -1.06 -5.21 -11.33
C GLY A 23 -0.72 -6.67 -11.53
N TYR A 24 -1.15 -7.23 -12.67
CA TYR A 24 -0.90 -8.62 -12.99
C TYR A 24 0.58 -8.94 -12.86
N GLN A 25 0.92 -9.76 -11.85
CA GLN A 25 2.30 -10.15 -11.62
C GLN A 25 2.83 -11.00 -12.77
N GLY A 1 11.44 -4.39 -1.30
CA GLY A 1 11.39 -5.00 0.02
C GLY A 1 10.39 -6.14 0.10
N VAL A 2 9.49 -6.08 1.07
CA VAL A 2 8.48 -7.12 1.25
C VAL A 2 7.21 -6.78 0.48
N LYS A 3 6.60 -7.80 -0.10
CA LYS A 3 5.36 -7.61 -0.87
C LYS A 3 4.34 -6.80 -0.07
N GLY A 4 4.06 -5.59 -0.53
CA GLY A 4 3.10 -4.74 0.15
C GLY A 4 3.60 -4.29 1.52
N PHE A 5 2.96 -3.27 2.07
CA PHE A 5 3.32 -2.75 3.39
C PHE A 5 2.18 -2.91 4.38
N ASN A 6 2.48 -2.69 5.65
CA ASN A 6 1.47 -2.80 6.70
C ASN A 6 0.23 -1.98 6.37
N CYS A 7 -0.83 -2.17 7.15
CA CYS A 7 -2.07 -1.44 6.94
C CYS A 7 -2.19 -0.28 7.91
N TYR A 8 -1.05 0.24 8.35
CA TYR A 8 -1.03 1.35 9.29
C TYR A 8 -1.13 2.69 8.55
N PHE A 9 -0.09 3.02 7.80
CA PHE A 9 -0.05 4.27 7.04
C PHE A 9 -0.81 4.12 5.73
N PRO A 10 -1.24 5.26 5.17
CA PRO A 10 -1.99 5.29 3.90
C PRO A 10 -1.10 4.92 2.71
N LEU A 11 0.08 5.53 2.64
CA LEU A 11 1.01 5.26 1.55
C LEU A 11 1.52 3.83 1.60
N GLN A 12 1.51 3.24 2.79
CA GLN A 12 1.97 1.87 2.97
C GLN A 12 0.82 0.88 2.80
N SER A 13 -0.32 1.39 2.33
CA SER A 13 -1.50 0.56 2.13
C SER A 13 -2.25 0.97 0.86
N TYR A 14 -1.50 1.46 -0.12
CA TYR A 14 -2.08 1.90 -1.38
C TYR A 14 -1.03 1.93 -2.49
N GLY A 15 0.04 1.15 -2.30
CA GLY A 15 1.09 1.09 -3.30
C GLY A 15 1.81 2.42 -3.45
N PHE A 16 2.01 2.84 -4.69
CA PHE A 16 2.70 4.10 -4.98
C PHE A 16 2.75 4.36 -6.49
N GLN A 17 3.07 3.33 -7.25
CA GLN A 17 3.15 3.45 -8.70
C GLN A 17 1.78 3.75 -9.30
N PRO A 18 1.78 4.25 -10.54
CA PRO A 18 0.55 4.59 -11.26
C PRO A 18 -0.26 3.35 -11.64
N THR A 19 0.30 2.18 -11.40
CA THR A 19 -0.36 0.93 -11.73
C THR A 19 -1.43 0.58 -10.68
N TYR A 20 -1.08 0.74 -9.42
CA TYR A 20 -2.00 0.46 -8.32
C TYR A 20 -2.55 1.74 -7.72
N GLY A 21 -1.74 2.80 -7.73
CA GLY A 21 -2.15 4.06 -7.18
C GLY A 21 -3.40 4.61 -7.87
N VAL A 22 -3.68 4.11 -9.07
CA VAL A 22 -4.84 4.56 -9.83
C VAL A 22 -6.02 3.62 -9.62
N GLY A 23 -6.04 2.95 -8.47
CA GLY A 23 -7.12 2.03 -8.16
C GLY A 23 -8.29 2.72 -7.47
N TYR A 24 -8.90 2.03 -6.52
CA TYR A 24 -10.04 2.58 -5.79
C TYR A 24 -9.58 3.66 -4.82
N GLN A 25 -9.35 4.86 -5.34
CA GLN A 25 -8.91 5.98 -4.52
C GLN A 25 -7.90 5.53 -3.48
N GLY A 1 -7.08 -4.65 8.61
CA GLY A 1 -5.81 -4.37 9.24
C GLY A 1 -4.65 -5.04 8.55
N VAL A 2 -3.44 -4.57 8.83
CA VAL A 2 -2.24 -5.15 8.24
C VAL A 2 -1.67 -6.26 9.10
N LYS A 3 -1.17 -7.31 8.44
CA LYS A 3 -0.60 -8.45 9.15
C LYS A 3 0.42 -7.99 10.19
N GLY A 4 0.09 -8.17 11.46
CA GLY A 4 0.99 -7.77 12.53
C GLY A 4 0.44 -6.60 13.33
N PHE A 5 1.34 -5.80 13.89
CA PHE A 5 0.95 -4.65 14.70
C PHE A 5 0.08 -3.69 13.87
N ASN A 6 -0.52 -2.73 14.56
CA ASN A 6 -1.38 -1.75 13.90
C ASN A 6 -0.55 -0.70 13.17
N CYS A 7 0.14 -1.12 12.12
CA CYS A 7 0.97 -0.22 11.33
C CYS A 7 0.34 0.07 9.98
N TYR A 8 -0.99 0.06 9.94
CA TYR A 8 -1.72 0.33 8.71
C TYR A 8 -1.53 1.77 8.25
N PHE A 9 -0.49 2.00 7.46
CA PHE A 9 -0.19 3.34 6.96
C PHE A 9 -0.93 3.60 5.65
N PRO A 10 -1.12 4.88 5.32
CA PRO A 10 -1.81 5.30 4.09
C PRO A 10 -0.99 5.00 2.84
N LEU A 11 0.29 5.36 2.88
CA LEU A 11 1.18 5.13 1.74
C LEU A 11 1.61 3.67 1.68
N GLN A 12 1.60 3.00 2.83
CA GLN A 12 2.00 1.60 2.90
C GLN A 12 0.79 0.69 2.69
N SER A 13 -0.33 1.27 2.29
CA SER A 13 -1.55 0.52 2.05
C SER A 13 -2.30 1.06 0.83
N TYR A 14 -1.56 1.58 -0.13
CA TYR A 14 -2.14 2.14 -1.34
C TYR A 14 -1.11 2.19 -2.47
N GLY A 15 -0.08 1.35 -2.37
CA GLY A 15 0.94 1.32 -3.39
C GLY A 15 1.73 2.62 -3.47
N PHE A 16 1.93 3.11 -4.69
CA PHE A 16 2.67 4.35 -4.89
C PHE A 16 2.74 4.69 -6.38
N GLN A 17 2.84 3.66 -7.21
CA GLN A 17 2.92 3.86 -8.66
C GLN A 17 1.54 3.72 -9.30
N PRO A 18 1.41 4.25 -10.52
CA PRO A 18 0.15 4.21 -11.27
C PRO A 18 -0.19 2.80 -11.75
N THR A 19 -0.63 1.96 -10.81
CA THR A 19 -0.99 0.58 -11.13
C THR A 19 0.22 -0.21 -11.62
N TYR A 20 1.33 -0.06 -10.90
CA TYR A 20 2.56 -0.77 -11.26
C TYR A 20 3.10 -1.57 -10.08
N GLY A 21 3.49 -0.87 -9.02
CA GLY A 21 4.01 -1.55 -7.84
C GLY A 21 3.08 -2.63 -7.33
N VAL A 22 1.81 -2.27 -7.15
CA VAL A 22 0.82 -3.23 -6.68
C VAL A 22 -0.52 -3.04 -7.39
N GLY A 23 -0.52 -3.33 -8.69
CA GLY A 23 -1.74 -3.19 -9.47
C GLY A 23 -2.88 -4.03 -8.92
N TYR A 24 -4.01 -4.03 -9.62
CA TYR A 24 -5.17 -4.79 -9.21
C TYR A 24 -5.44 -5.96 -10.16
N GLN A 25 -5.65 -7.14 -9.59
CA GLN A 25 -5.91 -8.33 -10.39
C GLN A 25 -5.02 -8.36 -11.63
N GLY A 1 -2.31 -10.20 11.08
CA GLY A 1 -2.54 -10.51 12.48
C GLY A 1 -1.88 -9.50 13.40
N VAL A 2 -2.04 -8.22 13.09
CA VAL A 2 -1.46 -7.16 13.89
C VAL A 2 -2.42 -6.70 14.98
N LYS A 3 -1.88 -6.41 16.17
CA LYS A 3 -2.70 -5.95 17.28
C LYS A 3 -3.61 -4.80 16.87
N GLY A 4 -4.90 -5.06 16.85
CA GLY A 4 -5.86 -4.04 16.46
C GLY A 4 -5.73 -3.62 15.02
N PHE A 5 -6.69 -2.86 14.52
CA PHE A 5 -6.67 -2.41 13.14
C PHE A 5 -6.61 -0.88 13.07
N ASN A 6 -5.42 -0.34 13.35
CA ASN A 6 -5.23 1.10 13.32
C ASN A 6 -3.75 1.45 13.23
N CYS A 7 -2.98 0.54 12.64
CA CYS A 7 -1.54 0.75 12.47
C CYS A 7 -1.16 0.89 11.01
N TYR A 8 -1.98 0.29 10.14
CA TYR A 8 -1.73 0.35 8.70
C TYR A 8 -1.54 1.79 8.23
N PHE A 9 -0.48 2.03 7.47
CA PHE A 9 -0.20 3.36 6.96
C PHE A 9 -0.93 3.61 5.65
N PRO A 10 -1.13 4.89 5.31
CA PRO A 10 -1.81 5.29 4.08
C PRO A 10 -0.99 4.99 2.83
N LEU A 11 0.30 5.36 2.87
CA LEU A 11 1.18 5.13 1.74
C LEU A 11 1.61 3.67 1.67
N GLN A 12 1.61 3.00 2.83
CA GLN A 12 2.00 1.60 2.90
C GLN A 12 0.79 0.69 2.69
N SER A 13 -0.33 1.28 2.30
CA SER A 13 -1.55 0.53 2.05
C SER A 13 -2.30 1.07 0.84
N TYR A 14 -1.55 1.59 -0.12
CA TYR A 14 -2.14 2.14 -1.34
C TYR A 14 -1.12 2.19 -2.47
N GLY A 15 -0.09 1.36 -2.37
CA GLY A 15 0.94 1.33 -3.39
C GLY A 15 1.73 2.62 -3.47
N PHE A 16 1.93 3.11 -4.68
CA PHE A 16 2.67 4.35 -4.89
C PHE A 16 2.74 4.69 -6.38
N GLN A 17 2.84 3.67 -7.22
CA GLN A 17 2.93 3.88 -8.66
C GLN A 17 1.55 3.72 -9.30
N PRO A 18 1.41 4.26 -10.52
CA PRO A 18 0.15 4.20 -11.26
C PRO A 18 -0.18 2.79 -11.74
N THR A 19 -0.61 1.94 -10.81
CA THR A 19 -0.96 0.57 -11.13
C THR A 19 0.24 -0.18 -11.73
N TYR A 20 1.41 0.00 -11.11
CA TYR A 20 2.62 -0.65 -11.59
C TYR A 20 3.36 -1.32 -10.44
N GLY A 21 3.18 -2.63 -10.33
CA GLY A 21 3.84 -3.37 -9.26
C GLY A 21 2.96 -3.55 -8.04
N VAL A 22 1.94 -2.70 -7.92
CA VAL A 22 1.02 -2.76 -6.79
C VAL A 22 -0.39 -3.14 -7.24
N GLY A 23 -0.60 -3.15 -8.56
CA GLY A 23 -1.89 -3.49 -9.11
C GLY A 23 -2.35 -4.87 -8.67
N TYR A 24 -3.51 -5.30 -9.19
CA TYR A 24 -4.06 -6.60 -8.84
C TYR A 24 -5.13 -7.01 -9.84
N GLN A 25 -5.58 -8.26 -9.74
CA GLN A 25 -6.60 -8.79 -10.64
C GLN A 25 -6.37 -8.30 -12.07
N GLY A 1 1.42 -3.42 13.39
CA GLY A 1 2.48 -3.21 14.36
C GLY A 1 1.93 -2.99 15.76
N VAL A 2 1.02 -2.03 15.90
CA VAL A 2 0.43 -1.72 17.20
C VAL A 2 -0.84 -2.52 17.42
N LYS A 3 -1.04 -2.96 18.66
CA LYS A 3 -2.23 -3.74 19.01
C LYS A 3 -3.50 -3.06 18.51
N GLY A 4 -4.16 -3.67 17.54
CA GLY A 4 -5.37 -3.12 17.00
C GLY A 4 -5.22 -2.64 15.56
N PHE A 5 -6.34 -2.42 14.88
CA PHE A 5 -6.32 -1.98 13.50
C PHE A 5 -6.32 -0.44 13.42
N ASN A 6 -5.15 0.15 13.61
CA ASN A 6 -5.01 1.60 13.56
C ASN A 6 -3.54 2.00 13.41
N CYS A 7 -2.75 1.12 12.81
CA CYS A 7 -1.34 1.39 12.60
C CYS A 7 -1.01 1.46 11.11
N TYR A 8 -1.81 0.78 10.30
CA TYR A 8 -1.60 0.76 8.87
C TYR A 8 -1.49 2.18 8.31
N PHE A 9 -0.46 2.41 7.51
CA PHE A 9 -0.23 3.73 6.91
C PHE A 9 -0.98 3.85 5.58
N PRO A 10 -1.24 5.11 5.18
CA PRO A 10 -1.95 5.40 3.93
C PRO A 10 -1.12 5.06 2.70
N LEU A 11 0.14 5.49 2.70
CA LEU A 11 1.03 5.24 1.58
C LEU A 11 1.54 3.80 1.61
N GLN A 12 1.57 3.21 2.80
CA GLN A 12 2.03 1.84 2.97
C GLN A 12 0.88 0.85 2.80
N SER A 13 -0.27 1.36 2.37
CA SER A 13 -1.45 0.52 2.18
C SER A 13 -2.22 0.95 0.93
N TYR A 14 -1.49 1.44 -0.06
CA TYR A 14 -2.11 1.88 -1.30
C TYR A 14 -1.08 1.92 -2.43
N GLY A 15 -0.02 1.15 -2.27
CA GLY A 15 1.02 1.10 -3.29
C GLY A 15 1.73 2.43 -3.46
N PHE A 16 1.91 2.85 -4.71
CA PHE A 16 2.58 4.11 -4.99
C PHE A 16 2.64 4.36 -6.50
N GLN A 17 3.06 3.35 -7.25
CA GLN A 17 3.16 3.46 -8.70
C GLN A 17 1.79 3.69 -9.32
N PRO A 18 1.79 4.36 -10.49
CA PRO A 18 0.55 4.66 -11.21
C PRO A 18 -0.10 3.42 -11.80
N THR A 19 0.50 2.26 -11.53
CA THR A 19 -0.02 1.00 -12.04
C THR A 19 0.26 0.84 -13.53
N TYR A 20 1.35 1.46 -13.99
CA TYR A 20 1.72 1.39 -15.39
C TYR A 20 2.21 -0.01 -15.75
N GLY A 21 3.03 -0.60 -14.88
CA GLY A 21 3.55 -1.93 -15.13
C GLY A 21 2.45 -2.97 -15.19
N VAL A 22 1.39 -2.76 -14.42
CA VAL A 22 0.26 -3.69 -14.40
C VAL A 22 -1.06 -2.95 -14.22
N GLY A 23 -1.46 -2.20 -15.24
CA GLY A 23 -2.70 -1.46 -15.18
C GLY A 23 -3.89 -2.34 -14.91
N TYR A 24 -5.08 -1.76 -14.91
CA TYR A 24 -6.32 -2.50 -14.68
C TYR A 24 -6.70 -3.32 -15.90
N GLN A 25 -7.71 -4.18 -15.74
CA GLN A 25 -8.18 -5.02 -16.83
C GLN A 25 -8.48 -4.18 -18.07
N GLY A 1 6.26 -6.63 6.78
CA GLY A 1 6.15 -5.25 7.22
C GLY A 1 6.93 -4.98 8.49
N VAL A 2 6.41 -4.08 9.32
CA VAL A 2 7.07 -3.73 10.57
C VAL A 2 6.59 -4.62 11.72
N LYS A 3 7.52 -5.00 12.59
CA LYS A 3 7.19 -5.85 13.73
C LYS A 3 5.97 -5.30 14.49
N GLY A 4 4.87 -6.04 14.43
CA GLY A 4 3.67 -5.60 15.11
C GLY A 4 2.56 -5.20 14.15
N PHE A 5 1.34 -5.10 14.66
CA PHE A 5 0.20 -4.72 13.83
C PHE A 5 -0.42 -3.42 14.33
N ASN A 6 0.23 -2.30 14.02
CA ASN A 6 -0.24 -0.99 14.43
C ASN A 6 0.42 0.12 13.61
N CYS A 7 0.82 -0.23 12.39
CA CYS A 7 1.46 0.75 11.50
C CYS A 7 0.75 0.84 10.17
N TYR A 8 -0.59 0.83 10.22
CA TYR A 8 -1.40 0.90 9.01
C TYR A 8 -1.35 2.31 8.41
N PHE A 9 -0.33 2.56 7.60
CA PHE A 9 -0.17 3.86 6.96
C PHE A 9 -0.92 3.92 5.63
N PRO A 10 -1.23 5.13 5.18
CA PRO A 10 -1.95 5.35 3.92
C PRO A 10 -1.11 5.02 2.70
N LEU A 11 0.13 5.50 2.69
CA LEU A 11 1.04 5.24 1.58
C LEU A 11 1.54 3.80 1.61
N GLN A 12 1.58 3.21 2.80
CA GLN A 12 2.03 1.84 2.96
C GLN A 12 0.87 0.86 2.81
N SER A 13 -0.27 1.37 2.37
CA SER A 13 -1.46 0.54 2.19
C SER A 13 -2.22 0.96 0.94
N TYR A 14 -1.51 1.46 -0.06
CA TYR A 14 -2.12 1.91 -1.30
C TYR A 14 -1.09 1.93 -2.43
N GLY A 15 -0.02 1.16 -2.27
CA GLY A 15 1.01 1.11 -3.29
C GLY A 15 1.73 2.43 -3.46
N PHE A 16 1.91 2.85 -4.71
CA PHE A 16 2.58 4.11 -4.99
C PHE A 16 2.64 4.36 -6.50
N GLN A 17 3.07 3.35 -7.24
CA GLN A 17 3.17 3.47 -8.70
C GLN A 17 1.80 3.70 -9.32
N PRO A 18 1.79 4.36 -10.49
CA PRO A 18 0.55 4.66 -11.21
C PRO A 18 -0.09 3.41 -11.80
N THR A 19 0.51 2.26 -11.53
CA THR A 19 0.00 0.98 -12.04
C THR A 19 0.29 0.83 -13.52
N TYR A 20 1.36 1.46 -13.99
CA TYR A 20 1.75 1.39 -15.38
C TYR A 20 2.30 0.01 -15.74
N GLY A 21 3.04 -0.58 -14.80
CA GLY A 21 3.61 -1.89 -15.04
C GLY A 21 2.56 -2.97 -15.11
N VAL A 22 1.44 -2.77 -14.42
CA VAL A 22 0.35 -3.74 -14.41
C VAL A 22 -1.00 -3.04 -14.33
N GLY A 23 -1.36 -2.34 -15.40
CA GLY A 23 -2.63 -1.63 -15.42
C GLY A 23 -3.10 -1.34 -16.84
N TYR A 24 -3.73 -0.18 -17.02
CA TYR A 24 -4.23 0.22 -18.33
C TYR A 24 -3.13 0.12 -19.39
N GLN A 25 -3.19 -0.93 -20.20
CA GLN A 25 -2.20 -1.14 -21.25
C GLN A 25 -2.49 -0.25 -22.47
N GLY A 1 2.78 -2.63 -0.97
CA GLY A 1 3.71 -2.63 -2.08
C GLY A 1 5.15 -2.76 -1.64
N VAL A 2 5.40 -2.43 -0.37
CA VAL A 2 6.75 -2.50 0.18
C VAL A 2 7.02 -3.88 0.79
N LYS A 3 8.24 -4.37 0.61
CA LYS A 3 8.63 -5.67 1.14
C LYS A 3 8.26 -5.78 2.62
N GLY A 4 7.30 -6.64 2.94
CA GLY A 4 6.89 -6.83 4.31
C GLY A 4 5.48 -6.32 4.56
N PHE A 5 4.91 -6.68 5.72
CA PHE A 5 3.56 -6.26 6.06
C PHE A 5 3.57 -4.83 6.62
N ASN A 6 2.49 -4.11 6.37
CA ASN A 6 2.37 -2.73 6.85
C ASN A 6 1.02 -2.13 6.44
N CYS A 7 0.03 -2.27 7.32
CA CYS A 7 -1.30 -1.74 7.04
C CYS A 7 -1.63 -0.58 7.98
N TYR A 8 -0.61 0.20 8.33
CA TYR A 8 -0.79 1.33 9.22
C TYR A 8 -0.96 2.62 8.44
N PHE A 9 0.15 3.12 7.88
CA PHE A 9 0.13 4.35 7.10
C PHE A 9 -0.67 4.16 5.80
N PRO A 10 -1.14 5.27 5.24
CA PRO A 10 -1.92 5.26 3.99
C PRO A 10 -1.07 4.89 2.79
N LEU A 11 0.10 5.53 2.68
CA LEU A 11 1.00 5.26 1.56
C LEU A 11 1.52 3.83 1.60
N GLN A 12 1.54 3.25 2.80
CA GLN A 12 2.00 1.88 2.96
C GLN A 12 0.85 0.89 2.80
N SER A 13 -0.31 1.39 2.36
CA SER A 13 -1.48 0.56 2.17
C SER A 13 -2.24 0.98 0.92
N TYR A 14 -1.51 1.47 -0.07
CA TYR A 14 -2.13 1.91 -1.33
C TYR A 14 -1.10 1.94 -2.45
N GLY A 15 -0.03 1.16 -2.28
CA GLY A 15 1.02 1.12 -3.29
C GLY A 15 1.72 2.45 -3.46
N PHE A 16 1.92 2.87 -4.70
CA PHE A 16 2.59 4.13 -5.00
C PHE A 16 2.65 4.37 -6.50
N GLN A 17 3.06 3.35 -7.25
CA GLN A 17 3.18 3.45 -8.70
C GLN A 17 1.80 3.69 -9.33
N PRO A 18 1.79 4.35 -10.50
CA PRO A 18 0.56 4.64 -11.23
C PRO A 18 -0.08 3.38 -11.82
N THR A 19 0.52 2.24 -11.54
CA THR A 19 0.01 0.97 -12.05
C THR A 19 0.30 0.81 -13.53
N TYR A 20 1.38 1.44 -13.98
CA TYR A 20 1.76 1.37 -15.40
C TYR A 20 2.62 0.13 -15.66
N GLY A 21 3.57 -0.13 -14.77
CA GLY A 21 4.44 -1.28 -14.93
C GLY A 21 4.08 -2.40 -13.98
N VAL A 22 3.38 -2.07 -12.90
CA VAL A 22 2.98 -3.07 -11.91
C VAL A 22 1.54 -3.49 -12.13
N GLY A 23 0.84 -2.78 -13.00
CA GLY A 23 -0.56 -3.11 -13.27
C GLY A 23 -0.72 -4.48 -13.90
N TYR A 24 -1.85 -4.70 -14.56
CA TYR A 24 -2.13 -5.97 -15.20
C TYR A 24 -0.98 -6.39 -16.11
N GLN A 25 -0.70 -7.69 -16.15
CA GLN A 25 0.37 -8.22 -16.97
C GLN A 25 -0.14 -8.59 -18.36
N GLY A 1 -4.20 -11.42 3.64
CA GLY A 1 -4.29 -10.00 3.85
C GLY A 1 -2.92 -9.34 3.90
N VAL A 2 -2.80 -8.28 4.70
CA VAL A 2 -1.54 -7.56 4.84
C VAL A 2 -0.70 -8.14 5.96
N LYS A 3 0.61 -8.19 5.75
CA LYS A 3 1.54 -8.72 6.75
C LYS A 3 1.29 -8.07 8.11
N GLY A 4 0.80 -8.86 9.05
CA GLY A 4 0.53 -8.35 10.39
C GLY A 4 -0.59 -7.34 10.39
N PHE A 5 -1.09 -7.03 11.59
CA PHE A 5 -2.18 -6.07 11.73
C PHE A 5 -1.73 -4.86 12.56
N ASN A 6 -1.10 -3.89 11.89
CA ASN A 6 -0.62 -2.69 12.56
C ASN A 6 0.03 -1.74 11.56
N CYS A 7 0.61 -0.66 12.08
CA CYS A 7 1.28 0.32 11.23
C CYS A 7 0.52 0.52 9.92
N TYR A 8 -0.80 0.55 10.02
CA TYR A 8 -1.65 0.73 8.84
C TYR A 8 -1.53 2.15 8.29
N PHE A 9 -0.49 2.39 7.49
CA PHE A 9 -0.26 3.70 6.90
C PHE A 9 -1.00 3.84 5.58
N PRO A 10 -1.26 5.10 5.17
CA PRO A 10 -1.96 5.40 3.92
C PRO A 10 -1.13 5.07 2.69
N LEU A 11 0.13 5.49 2.70
CA LEU A 11 1.03 5.23 1.59
C LEU A 11 1.54 3.79 1.61
N GLN A 12 1.55 3.19 2.80
CA GLN A 12 2.01 1.82 2.97
C GLN A 12 0.86 0.84 2.80
N SER A 13 -0.29 1.35 2.35
CA SER A 13 -1.46 0.52 2.15
C SER A 13 -2.23 0.94 0.90
N TYR A 14 -1.50 1.44 -0.09
CA TYR A 14 -2.11 1.89 -1.33
C TYR A 14 -1.06 1.93 -2.46
N GLY A 15 0.00 1.16 -2.29
CA GLY A 15 1.04 1.11 -3.31
C GLY A 15 1.76 2.45 -3.46
N PHE A 16 1.95 2.87 -4.70
CA PHE A 16 2.63 4.13 -4.99
C PHE A 16 2.70 4.39 -6.49
N GLN A 17 3.06 3.36 -7.24
CA GLN A 17 3.16 3.47 -8.69
C GLN A 17 1.81 3.75 -9.31
N PRO A 18 1.82 4.24 -10.57
CA PRO A 18 0.60 4.56 -11.30
C PRO A 18 -0.19 3.32 -11.69
N THR A 19 0.39 2.16 -11.43
CA THR A 19 -0.25 0.88 -11.75
C THR A 19 -1.40 0.59 -10.80
N TYR A 20 -1.21 0.94 -9.52
CA TYR A 20 -2.22 0.71 -8.50
C TYR A 20 -2.72 2.03 -7.92
N GLY A 21 -1.85 3.03 -7.92
CA GLY A 21 -2.21 4.33 -7.39
C GLY A 21 -3.38 4.95 -8.11
N VAL A 22 -3.64 4.47 -9.33
CA VAL A 22 -4.75 4.99 -10.14
C VAL A 22 -5.99 4.13 -9.97
N GLY A 23 -6.09 3.45 -8.83
CA GLY A 23 -7.24 2.61 -8.56
C GLY A 23 -8.40 3.38 -7.96
N TYR A 24 -9.11 2.75 -7.03
CA TYR A 24 -10.25 3.38 -6.39
C TYR A 24 -9.86 3.95 -5.02
N GLN A 25 -10.28 5.18 -4.75
CA GLN A 25 -9.97 5.83 -3.49
C GLN A 25 -10.74 7.14 -3.35
N GLY A 1 5.51 -7.36 3.93
CA GLY A 1 5.65 -6.70 5.21
C GLY A 1 5.70 -5.19 5.08
N VAL A 2 4.71 -4.51 5.67
CA VAL A 2 4.65 -3.05 5.61
C VAL A 2 5.37 -2.43 6.80
N LYS A 3 6.06 -1.33 6.54
CA LYS A 3 6.80 -0.63 7.60
C LYS A 3 5.90 -0.39 8.82
N GLY A 4 6.22 -1.06 9.91
CA GLY A 4 5.44 -0.91 11.13
C GLY A 4 4.23 -1.82 11.16
N PHE A 5 3.21 -1.41 11.91
CA PHE A 5 1.98 -2.20 12.02
C PHE A 5 1.35 -2.42 10.65
N ASN A 6 0.42 -3.37 10.58
CA ASN A 6 -0.26 -3.69 9.34
C ASN A 6 -1.16 -2.53 8.89
N CYS A 7 -1.19 -2.28 7.60
CA CYS A 7 -2.01 -1.20 7.05
C CYS A 7 -2.01 0.01 7.98
N TYR A 8 -0.85 0.33 8.55
CA TYR A 8 -0.73 1.45 9.46
C TYR A 8 -0.87 2.77 8.72
N PHE A 9 0.11 3.08 7.87
CA PHE A 9 0.10 4.31 7.10
C PHE A 9 -0.69 4.14 5.79
N PRO A 10 -1.16 5.26 5.23
CA PRO A 10 -1.94 5.25 3.99
C PRO A 10 -1.08 4.90 2.78
N LEU A 11 0.09 5.52 2.68
CA LEU A 11 1.00 5.26 1.56
C LEU A 11 1.51 3.82 1.60
N GLN A 12 1.53 3.24 2.78
CA GLN A 12 1.99 1.86 2.96
C GLN A 12 0.83 0.87 2.78
N SER A 13 -0.32 1.39 2.34
CA SER A 13 -1.50 0.55 2.14
C SER A 13 -2.25 0.98 0.88
N TYR A 14 -1.52 1.47 -0.10
CA TYR A 14 -2.12 1.92 -1.36
C TYR A 14 -1.08 1.95 -2.48
N GLY A 15 -0.02 1.18 -2.31
CA GLY A 15 1.03 1.14 -3.31
C GLY A 15 1.75 2.46 -3.47
N PHE A 16 1.94 2.88 -4.71
CA PHE A 16 2.62 4.14 -4.99
C PHE A 16 2.70 4.39 -6.50
N GLN A 17 3.06 3.36 -7.25
CA GLN A 17 3.18 3.47 -8.69
C GLN A 17 1.82 3.75 -9.33
N PRO A 18 1.84 4.23 -10.57
CA PRO A 18 0.61 4.54 -11.32
C PRO A 18 -0.16 3.29 -11.71
N THR A 19 0.42 2.13 -11.44
CA THR A 19 -0.22 0.86 -11.76
C THR A 19 -0.32 -0.03 -10.53
N TYR A 20 -0.34 0.58 -9.36
CA TYR A 20 -0.43 -0.15 -8.11
C TYR A 20 -1.59 0.37 -7.25
N GLY A 21 -1.75 1.69 -7.24
CA GLY A 21 -2.81 2.30 -6.47
C GLY A 21 -4.19 1.84 -6.90
N VAL A 22 -4.29 1.34 -8.12
CA VAL A 22 -5.55 0.86 -8.65
C VAL A 22 -5.96 -0.46 -7.99
N GLY A 23 -5.04 -1.05 -7.24
CA GLY A 23 -5.32 -2.31 -6.57
C GLY A 23 -6.34 -2.17 -5.46
N TYR A 24 -6.21 -2.98 -4.42
CA TYR A 24 -7.13 -2.93 -3.30
C TYR A 24 -6.45 -2.38 -2.05
N GLN A 25 -7.23 -1.67 -1.23
CA GLN A 25 -6.69 -1.08 0.00
C GLN A 25 -6.74 -2.10 1.14
N GLY A 1 0.97 -8.85 2.28
CA GLY A 1 1.59 -8.89 3.60
C GLY A 1 2.96 -8.26 3.62
N VAL A 2 3.05 -7.03 4.13
CA VAL A 2 4.32 -6.32 4.20
C VAL A 2 5.02 -6.58 5.52
N LYS A 3 6.34 -6.72 5.47
CA LYS A 3 7.13 -6.97 6.67
C LYS A 3 6.78 -5.97 7.77
N GLY A 4 6.17 -6.47 8.83
CA GLY A 4 5.80 -5.61 9.94
C GLY A 4 4.32 -5.31 9.97
N PHE A 5 3.96 -4.14 10.50
CA PHE A 5 2.56 -3.73 10.58
C PHE A 5 1.92 -3.70 9.20
N ASN A 6 0.62 -3.94 9.14
CA ASN A 6 -0.12 -3.94 7.88
C ASN A 6 -1.28 -2.96 7.93
N CYS A 7 -1.76 -2.56 6.75
CA CYS A 7 -2.87 -1.62 6.66
C CYS A 7 -2.78 -0.56 7.76
N TYR A 8 -1.58 -0.08 8.02
CA TYR A 8 -1.36 0.93 9.04
C TYR A 8 -1.32 2.33 8.43
N PHE A 9 -0.30 2.58 7.62
CA PHE A 9 -0.15 3.88 6.97
C PHE A 9 -0.90 3.92 5.65
N PRO A 10 -1.23 5.14 5.19
CA PRO A 10 -1.96 5.35 3.93
C PRO A 10 -1.12 5.00 2.71
N LEU A 11 0.12 5.50 2.69
CA LEU A 11 1.03 5.24 1.58
C LEU A 11 1.53 3.80 1.61
N GLN A 12 1.55 3.21 2.80
CA GLN A 12 2.01 1.83 2.96
C GLN A 12 0.85 0.85 2.79
N SER A 13 -0.30 1.36 2.35
CA SER A 13 -1.48 0.52 2.15
C SER A 13 -2.23 0.95 0.90
N TYR A 14 -1.50 1.46 -0.09
CA TYR A 14 -2.11 1.91 -1.35
C TYR A 14 -1.08 1.94 -2.47
N GLY A 15 0.00 1.17 -2.30
CA GLY A 15 1.04 1.12 -3.31
C GLY A 15 1.75 2.44 -3.46
N PHE A 16 1.95 2.87 -4.70
CA PHE A 16 2.63 4.13 -4.99
C PHE A 16 2.70 4.39 -6.49
N GLN A 17 3.06 3.36 -7.24
CA GLN A 17 3.17 3.48 -8.69
C GLN A 17 1.81 3.75 -9.31
N PRO A 18 1.82 4.23 -10.57
CA PRO A 18 0.60 4.56 -11.30
C PRO A 18 -0.18 3.31 -11.70
N THR A 19 0.40 2.14 -11.43
CA THR A 19 -0.24 0.88 -11.76
C THR A 19 -1.37 0.56 -10.78
N TYR A 20 -1.14 0.87 -9.51
CA TYR A 20 -2.14 0.63 -8.47
C TYR A 20 -2.65 1.94 -7.87
N GLY A 21 -1.74 2.90 -7.73
CA GLY A 21 -2.10 4.18 -7.16
C GLY A 21 -3.17 4.89 -7.99
N VAL A 22 -3.29 4.51 -9.25
CA VAL A 22 -4.28 5.11 -10.14
C VAL A 22 -5.69 4.65 -9.79
N GLY A 23 -5.78 3.67 -8.90
CA GLY A 23 -7.08 3.16 -8.49
C GLY A 23 -7.86 4.16 -7.66
N TYR A 24 -8.58 3.66 -6.66
CA TYR A 24 -9.37 4.52 -5.79
C TYR A 24 -8.50 5.15 -4.70
N GLN A 25 -7.69 6.13 -5.10
CA GLN A 25 -6.82 6.82 -4.17
C GLN A 25 -6.76 8.31 -4.48
N GLY A 1 2.34 -8.96 3.61
CA GLY A 1 3.27 -8.29 4.49
C GLY A 1 3.86 -7.04 3.86
N VAL A 2 3.38 -5.88 4.30
CA VAL A 2 3.86 -4.60 3.78
C VAL A 2 5.04 -4.07 4.60
N LYS A 3 6.01 -3.48 3.93
CA LYS A 3 7.18 -2.94 4.60
C LYS A 3 6.78 -2.04 5.77
N GLY A 4 7.08 -2.49 6.98
CA GLY A 4 6.73 -1.72 8.16
C GLY A 4 5.50 -2.25 8.87
N PHE A 5 4.79 -1.37 9.56
CA PHE A 5 3.59 -1.76 10.30
C PHE A 5 2.55 -2.33 9.35
N ASN A 6 1.52 -2.95 9.91
CA ASN A 6 0.45 -3.55 9.12
C ASN A 6 -0.68 -2.54 8.86
N CYS A 7 -0.95 -2.28 7.59
CA CYS A 7 -2.00 -1.34 7.21
C CYS A 7 -2.03 -0.15 8.17
N TYR A 8 -0.85 0.33 8.55
CA TYR A 8 -0.75 1.46 9.46
C TYR A 8 -0.89 2.78 8.71
N PHE A 9 0.09 3.09 7.87
CA PHE A 9 0.07 4.32 7.09
C PHE A 9 -0.70 4.13 5.79
N PRO A 10 -1.18 5.26 5.22
CA PRO A 10 -1.94 5.24 3.98
C PRO A 10 -1.08 4.89 2.77
N LEU A 11 0.09 5.52 2.68
CA LEU A 11 1.01 5.27 1.57
C LEU A 11 1.52 3.83 1.61
N GLN A 12 1.52 3.23 2.80
CA GLN A 12 1.99 1.86 2.96
C GLN A 12 0.83 0.87 2.78
N SER A 13 -0.32 1.39 2.34
CA SER A 13 -1.50 0.55 2.14
C SER A 13 -2.25 0.98 0.89
N TYR A 14 -1.52 1.47 -0.10
CA TYR A 14 -2.11 1.93 -1.35
C TYR A 14 -1.08 1.96 -2.47
N GLY A 15 -0.02 1.18 -2.31
CA GLY A 15 1.03 1.14 -3.31
C GLY A 15 1.75 2.46 -3.47
N PHE A 16 1.94 2.88 -4.71
CA PHE A 16 2.62 4.14 -4.99
C PHE A 16 2.70 4.39 -6.50
N GLN A 17 3.06 3.36 -7.25
CA GLN A 17 3.18 3.47 -8.69
C GLN A 17 1.82 3.75 -9.32
N PRO A 18 1.83 4.23 -10.58
CA PRO A 18 0.61 4.55 -11.31
C PRO A 18 -0.17 3.29 -11.70
N THR A 19 0.41 2.13 -11.44
CA THR A 19 -0.22 0.86 -11.76
C THR A 19 0.02 -0.17 -10.67
N TYR A 20 -0.02 0.28 -9.42
CA TYR A 20 0.19 -0.61 -8.28
C TYR A 20 -0.51 -0.07 -7.03
N GLY A 21 -1.06 -0.98 -6.24
CA GLY A 21 -1.76 -0.59 -5.03
C GLY A 21 -3.25 -0.47 -5.23
N VAL A 22 -3.66 -0.08 -6.44
CA VAL A 22 -5.07 0.07 -6.75
C VAL A 22 -5.77 -1.29 -6.85
N GLY A 23 -4.97 -2.35 -6.87
CA GLY A 23 -5.52 -3.69 -6.95
C GLY A 23 -6.46 -4.01 -5.81
N TYR A 24 -6.93 -5.25 -5.75
CA TYR A 24 -7.84 -5.67 -4.70
C TYR A 24 -7.09 -6.45 -3.61
N GLN A 25 -7.33 -6.08 -2.36
CA GLN A 25 -6.69 -6.74 -1.22
C GLN A 25 -7.36 -6.36 0.09
N GLY A 1 4.71 -8.07 -1.92
CA GLY A 1 4.28 -9.32 -1.33
C GLY A 1 2.78 -9.39 -1.15
N VAL A 2 2.31 -9.16 0.07
CA VAL A 2 0.89 -9.20 0.37
C VAL A 2 0.26 -7.82 0.20
N LYS A 3 -0.96 -7.79 -0.33
CA LYS A 3 -1.69 -6.55 -0.54
C LYS A 3 -1.68 -5.70 0.73
N GLY A 4 -0.98 -4.57 0.68
CA GLY A 4 -0.91 -3.69 1.83
C GLY A 4 -0.14 -4.29 2.98
N PHE A 5 0.25 -3.45 3.93
CA PHE A 5 1.01 -3.91 5.09
C PHE A 5 0.20 -3.73 6.37
N ASN A 6 -0.77 -4.62 6.58
CA ASN A 6 -1.62 -4.56 7.76
C ASN A 6 -2.43 -3.26 7.79
N CYS A 7 -2.72 -2.73 6.61
CA CYS A 7 -3.48 -1.49 6.50
C CYS A 7 -3.12 -0.52 7.61
N TYR A 8 -1.82 -0.43 7.91
CA TYR A 8 -1.34 0.46 8.95
C TYR A 8 -1.22 1.89 8.44
N PHE A 9 -0.20 2.14 7.63
CA PHE A 9 0.02 3.47 7.06
C PHE A 9 -0.76 3.65 5.75
N PRO A 10 -1.01 4.91 5.39
CA PRO A 10 -1.74 5.25 4.16
C PRO A 10 -0.93 4.93 2.90
N LEU A 11 0.33 5.35 2.89
CA LEU A 11 1.20 5.12 1.76
C LEU A 11 1.62 3.65 1.67
N GLN A 12 1.61 2.97 2.82
CA GLN A 12 1.98 1.57 2.88
C GLN A 12 0.76 0.68 2.66
N SER A 13 -0.35 1.29 2.27
CA SER A 13 -1.58 0.54 2.04
C SER A 13 -2.33 1.10 0.83
N TYR A 14 -1.57 1.62 -0.13
CA TYR A 14 -2.17 2.20 -1.34
C TYR A 14 -1.15 2.24 -2.47
N GLY A 15 -0.13 1.39 -2.38
CA GLY A 15 0.90 1.35 -3.40
C GLY A 15 1.69 2.65 -3.48
N PHE A 16 1.89 3.14 -4.70
CA PHE A 16 2.65 4.37 -4.90
C PHE A 16 2.67 4.76 -6.38
N GLN A 17 2.88 3.77 -7.24
CA GLN A 17 2.93 4.00 -8.67
C GLN A 17 1.58 3.72 -9.32
N PRO A 18 1.37 4.26 -10.53
CA PRO A 18 0.12 4.08 -11.27
C PRO A 18 -0.07 2.66 -11.77
N THR A 19 -0.40 1.75 -10.85
CA THR A 19 -0.60 0.36 -11.21
C THR A 19 0.70 -0.28 -11.73
N TYR A 20 1.80 0.03 -11.06
CA TYR A 20 3.10 -0.50 -11.46
C TYR A 20 3.97 -0.77 -10.24
N GLY A 21 4.58 -1.95 -10.20
CA GLY A 21 5.43 -2.31 -9.08
C GLY A 21 4.72 -3.17 -8.05
N VAL A 22 3.62 -2.66 -7.52
CA VAL A 22 2.85 -3.38 -6.52
C VAL A 22 1.50 -3.83 -7.09
N GLY A 23 1.51 -4.22 -8.37
CA GLY A 23 0.29 -4.67 -9.01
C GLY A 23 -0.34 -5.85 -8.29
N TYR A 24 -1.42 -6.37 -8.87
CA TYR A 24 -2.11 -7.51 -8.27
C TYR A 24 -1.19 -8.71 -8.16
N GLN A 25 -1.64 -9.74 -7.43
CA GLN A 25 -0.84 -10.95 -7.24
C GLN A 25 -0.82 -11.78 -8.52
N GLY A 1 0.19 -9.05 2.13
CA GLY A 1 1.36 -8.77 2.93
C GLY A 1 2.09 -7.52 2.48
N VAL A 2 1.75 -6.39 3.08
CA VAL A 2 2.36 -5.12 2.74
C VAL A 2 3.59 -4.85 3.61
N LYS A 3 4.62 -4.27 2.99
CA LYS A 3 5.86 -3.96 3.70
C LYS A 3 5.56 -3.20 4.99
N GLY A 4 5.81 -3.85 6.13
CA GLY A 4 5.57 -3.22 7.41
C GLY A 4 4.25 -3.66 8.04
N PHE A 5 3.66 -2.78 8.84
CA PHE A 5 2.39 -3.09 9.50
C PHE A 5 1.31 -3.43 8.47
N ASN A 6 0.19 -3.94 8.97
CA ASN A 6 -0.92 -4.31 8.09
C ASN A 6 -1.88 -3.14 7.91
N CYS A 7 -2.05 -2.70 6.67
CA CYS A 7 -2.94 -1.59 6.37
C CYS A 7 -2.88 -0.53 7.46
N TYR A 8 -1.68 -0.25 7.96
CA TYR A 8 -1.49 0.74 9.00
C TYR A 8 -1.42 2.14 8.42
N PHE A 9 -0.36 2.40 7.65
CA PHE A 9 -0.17 3.71 7.03
C PHE A 9 -0.89 3.79 5.69
N PRO A 10 -1.18 5.02 5.25
CA PRO A 10 -1.87 5.26 3.96
C PRO A 10 -0.99 4.93 2.77
N LEU A 11 0.25 5.39 2.80
CA LEU A 11 1.20 5.15 1.71
C LEU A 11 1.62 3.68 1.67
N GLN A 12 1.57 3.03 2.83
CA GLN A 12 1.94 1.62 2.94
C GLN A 12 0.73 0.72 2.71
N SER A 13 -0.38 1.32 2.28
CA SER A 13 -1.60 0.58 2.02
C SER A 13 -2.32 1.11 0.79
N TYR A 14 -1.54 1.61 -0.17
CA TYR A 14 -2.09 2.15 -1.40
C TYR A 14 -1.05 2.17 -2.51
N GLY A 15 -0.03 1.33 -2.38
CA GLY A 15 1.03 1.28 -3.37
C GLY A 15 1.82 2.56 -3.46
N PHE A 16 2.05 3.03 -4.67
CA PHE A 16 2.81 4.26 -4.88
C PHE A 16 2.79 4.66 -6.35
N GLN A 17 2.91 3.68 -7.24
CA GLN A 17 2.90 3.93 -8.67
C GLN A 17 1.50 3.74 -9.25
N PRO A 18 1.28 4.32 -10.44
CA PRO A 18 -0.01 4.22 -11.13
C PRO A 18 -0.30 2.81 -11.64
N THR A 19 -0.63 1.91 -10.73
CA THR A 19 -0.92 0.53 -11.08
C THR A 19 0.29 -0.14 -11.70
N TYR A 20 1.45 0.08 -11.09
CA TYR A 20 2.70 -0.51 -11.57
C TYR A 20 3.40 -1.28 -10.46
N GLY A 21 3.82 -0.57 -9.42
CA GLY A 21 4.50 -1.20 -8.31
C GLY A 21 3.70 -2.35 -7.72
N VAL A 22 2.40 -2.13 -7.52
CA VAL A 22 1.54 -3.16 -6.97
C VAL A 22 0.14 -3.09 -7.57
N GLY A 23 0.05 -3.40 -8.87
CA GLY A 23 -1.23 -3.36 -9.54
C GLY A 23 -2.26 -4.27 -8.90
N TYR A 24 -3.44 -4.36 -9.50
CA TYR A 24 -4.51 -5.20 -8.98
C TYR A 24 -4.04 -6.63 -8.79
N GLN A 25 -4.75 -7.39 -7.96
CA GLN A 25 -4.41 -8.78 -7.70
C GLN A 25 -4.73 -9.66 -8.90
N GLY A 1 6.65 -2.36 3.93
CA GLY A 1 6.57 -2.92 5.27
C GLY A 1 7.21 -2.03 6.31
N VAL A 2 6.39 -1.44 7.17
CA VAL A 2 6.89 -0.55 8.22
C VAL A 2 7.17 -1.33 9.50
N LYS A 3 8.25 -0.96 10.19
CA LYS A 3 8.64 -1.62 11.42
C LYS A 3 7.45 -1.71 12.38
N GLY A 4 6.98 -2.92 12.62
CA GLY A 4 5.85 -3.12 13.52
C GLY A 4 4.61 -3.59 12.79
N PHE A 5 3.44 -3.24 13.33
CA PHE A 5 2.17 -3.63 12.74
C PHE A 5 2.07 -3.12 11.30
N ASN A 6 1.41 -3.88 10.45
CA ASN A 6 1.25 -3.52 9.04
C ASN A 6 -0.01 -2.66 8.86
N CYS A 7 -0.37 -2.42 7.61
CA CYS A 7 -1.55 -1.61 7.29
C CYS A 7 -1.70 -0.46 8.28
N TYR A 8 -0.58 0.17 8.63
CA TYR A 8 -0.59 1.28 9.57
C TYR A 8 -0.74 2.61 8.84
N PHE A 9 0.23 2.92 7.98
CA PHE A 9 0.21 4.16 7.23
C PHE A 9 -0.56 3.99 5.92
N PRO A 10 -1.04 5.11 5.36
CA PRO A 10 -1.79 5.11 4.11
C PRO A 10 -0.92 4.77 2.90
N LEU A 11 0.24 5.42 2.83
CA LEU A 11 1.16 5.18 1.72
C LEU A 11 1.59 3.72 1.67
N GLN A 12 1.56 3.06 2.82
CA GLN A 12 1.94 1.65 2.91
C GLN A 12 0.73 0.74 2.68
N SER A 13 -0.38 1.33 2.27
CA SER A 13 -1.60 0.58 2.02
C SER A 13 -2.34 1.12 0.79
N TYR A 14 -1.58 1.63 -0.16
CA TYR A 14 -2.15 2.17 -1.38
C TYR A 14 -1.11 2.22 -2.50
N GLY A 15 -0.09 1.38 -2.38
CA GLY A 15 0.96 1.33 -3.38
C GLY A 15 1.74 2.62 -3.47
N PHE A 16 1.97 3.10 -4.69
CA PHE A 16 2.71 4.34 -4.91
C PHE A 16 2.75 4.70 -6.39
N GLN A 17 2.87 3.68 -7.23
CA GLN A 17 2.93 3.89 -8.67
C GLN A 17 1.54 3.72 -9.30
N PRO A 18 1.38 4.26 -10.51
CA PRO A 18 0.11 4.18 -11.25
C PRO A 18 -0.19 2.78 -11.73
N THR A 19 -0.60 1.91 -10.80
CA THR A 19 -0.92 0.53 -11.13
C THR A 19 0.28 -0.20 -11.70
N TYR A 20 1.45 0.04 -11.10
CA TYR A 20 2.68 -0.60 -11.55
C TYR A 20 3.10 -1.71 -10.61
N GLY A 21 3.45 -1.35 -9.38
CA GLY A 21 3.85 -2.35 -8.40
C GLY A 21 2.69 -2.84 -7.56
N VAL A 22 1.61 -2.06 -7.52
CA VAL A 22 0.43 -2.43 -6.75
C VAL A 22 -0.60 -3.13 -7.63
N GLY A 23 -0.38 -3.11 -8.94
CA GLY A 23 -1.29 -3.74 -9.86
C GLY A 23 -1.49 -5.21 -9.57
N TYR A 24 -2.26 -5.88 -10.42
CA TYR A 24 -2.53 -7.30 -10.25
C TYR A 24 -3.30 -7.56 -8.96
N GLN A 25 -4.53 -7.05 -8.90
CA GLN A 25 -5.36 -7.23 -7.71
C GLN A 25 -6.46 -8.25 -7.97
N GLY A 1 6.80 -6.72 7.85
CA GLY A 1 6.70 -6.74 9.29
C GLY A 1 6.40 -5.37 9.88
N VAL A 2 5.28 -4.78 9.47
CA VAL A 2 4.89 -3.47 9.97
C VAL A 2 4.01 -3.59 11.20
N LYS A 3 4.22 -2.67 12.15
CA LYS A 3 3.44 -2.68 13.38
C LYS A 3 1.94 -2.76 13.09
N GLY A 4 1.33 -3.88 13.45
CA GLY A 4 -0.08 -4.07 13.21
C GLY A 4 -0.37 -5.14 12.18
N PHE A 5 -1.62 -5.22 11.74
CA PHE A 5 -2.02 -6.21 10.75
C PHE A 5 -2.33 -5.54 9.41
N ASN A 6 -1.29 -5.17 8.69
CA ASN A 6 -1.45 -4.52 7.39
C ASN A 6 -2.38 -3.31 7.50
N CYS A 7 -2.76 -2.77 6.35
CA CYS A 7 -3.65 -1.61 6.31
C CYS A 7 -3.34 -0.65 7.46
N TYR A 8 -2.06 -0.45 7.73
CA TYR A 8 -1.64 0.44 8.81
C TYR A 8 -1.50 1.87 8.30
N PHE A 9 -0.44 2.13 7.53
CA PHE A 9 -0.20 3.47 6.99
C PHE A 9 -0.91 3.64 5.65
N PRO A 10 -1.16 4.91 5.28
CA PRO A 10 -1.83 5.25 4.02
C PRO A 10 -0.97 4.94 2.80
N LEU A 11 0.29 5.36 2.86
CA LEU A 11 1.21 5.14 1.75
C LEU A 11 1.64 3.68 1.68
N GLN A 12 1.60 3.00 2.83
CA GLN A 12 1.98 1.59 2.91
C GLN A 12 0.78 0.69 2.69
N SER A 13 -0.34 1.29 2.29
CA SER A 13 -1.57 0.54 2.05
C SER A 13 -2.31 1.08 0.83
N TYR A 14 -1.55 1.61 -0.13
CA TYR A 14 -2.14 2.17 -1.34
C TYR A 14 -1.11 2.21 -2.47
N GLY A 15 -0.09 1.36 -2.37
CA GLY A 15 0.95 1.32 -3.38
C GLY A 15 1.74 2.62 -3.46
N PHE A 16 1.95 3.11 -4.68
CA PHE A 16 2.69 4.34 -4.89
C PHE A 16 2.74 4.70 -6.37
N GLN A 17 2.87 3.68 -7.22
CA GLN A 17 2.92 3.90 -8.67
C GLN A 17 1.54 3.73 -9.29
N PRO A 18 1.37 4.27 -10.50
CA PRO A 18 0.11 4.19 -11.24
C PRO A 18 -0.19 2.78 -11.73
N THR A 19 -0.60 1.91 -10.80
CA THR A 19 -0.92 0.53 -11.13
C THR A 19 0.29 -0.19 -11.72
N TYR A 20 1.46 0.04 -11.13
CA TYR A 20 2.68 -0.58 -11.60
C TYR A 20 3.25 -1.53 -10.55
N GLY A 21 3.10 -2.83 -10.81
CA GLY A 21 3.60 -3.83 -9.87
C GLY A 21 2.70 -4.00 -8.66
N VAL A 22 2.51 -2.91 -7.91
CA VAL A 22 1.67 -2.94 -6.73
C VAL A 22 0.18 -2.98 -7.10
N GLY A 23 -0.09 -2.78 -8.39
CA GLY A 23 -1.47 -2.79 -8.85
C GLY A 23 -2.17 -4.10 -8.54
N TYR A 24 -3.41 -4.23 -9.02
CA TYR A 24 -4.19 -5.44 -8.79
C TYR A 24 -4.47 -5.63 -7.29
N GLN A 25 -5.40 -4.85 -6.77
CA GLN A 25 -5.76 -4.93 -5.35
C GLN A 25 -7.26 -5.10 -5.18
N GLY A 1 7.03 -2.05 18.47
CA GLY A 1 5.79 -1.34 18.23
C GLY A 1 5.78 -0.62 16.90
N VAL A 2 4.83 -0.98 16.04
CA VAL A 2 4.72 -0.36 14.72
C VAL A 2 3.80 0.86 14.76
N LYS A 3 4.17 1.89 14.01
CA LYS A 3 3.37 3.11 13.96
C LYS A 3 1.91 2.80 13.69
N GLY A 4 1.05 3.04 14.67
CA GLY A 4 -0.36 2.78 14.51
C GLY A 4 -0.70 1.32 14.70
N PHE A 5 -1.99 0.99 14.61
CA PHE A 5 -2.45 -0.38 14.77
C PHE A 5 -2.26 -1.17 13.48
N ASN A 6 -1.60 -2.32 13.59
CA ASN A 6 -1.34 -3.17 12.43
C ASN A 6 -0.56 -2.43 11.36
N CYS A 7 0.28 -1.49 11.80
CA CYS A 7 1.09 -0.70 10.89
C CYS A 7 0.32 -0.37 9.61
N TYR A 8 -0.96 -0.03 9.79
CA TYR A 8 -1.81 0.31 8.65
C TYR A 8 -1.59 1.76 8.21
N PHE A 9 -0.54 1.97 7.43
CA PHE A 9 -0.21 3.30 6.94
C PHE A 9 -0.95 3.60 5.63
N PRO A 10 -1.11 4.89 5.32
CA PRO A 10 -1.80 5.34 4.10
C PRO A 10 -1.00 5.04 2.85
N LEU A 11 0.29 5.37 2.87
CA LEU A 11 1.17 5.13 1.74
C LEU A 11 1.60 3.67 1.67
N GLN A 12 1.60 3.01 2.82
CA GLN A 12 1.98 1.61 2.91
C GLN A 12 0.78 0.69 2.69
N SER A 13 -0.34 1.28 2.28
CA SER A 13 -1.56 0.53 2.04
C SER A 13 -2.30 1.05 0.82
N TYR A 14 -1.55 1.58 -0.15
CA TYR A 14 -2.13 2.13 -1.37
C TYR A 14 -1.09 2.17 -2.49
N GLY A 15 -0.06 1.34 -2.37
CA GLY A 15 0.97 1.30 -3.38
C GLY A 15 1.75 2.60 -3.47
N PHE A 16 1.96 3.09 -4.69
CA PHE A 16 2.70 4.33 -4.89
C PHE A 16 2.75 4.68 -6.37
N GLN A 17 2.86 3.67 -7.22
CA GLN A 17 2.92 3.87 -8.66
C GLN A 17 1.54 3.72 -9.30
N PRO A 18 1.38 4.27 -10.50
CA PRO A 18 0.11 4.22 -11.24
C PRO A 18 -0.21 2.81 -11.72
N THR A 19 -0.63 1.95 -10.80
CA THR A 19 -0.98 0.57 -11.12
C THR A 19 0.24 -0.20 -11.62
N TYR A 20 1.37 -0.02 -10.94
CA TYR A 20 2.60 -0.70 -11.33
C TYR A 20 3.12 -1.58 -10.19
N GLY A 21 3.55 -0.94 -9.11
CA GLY A 21 4.07 -1.68 -7.97
C GLY A 21 2.96 -2.20 -7.08
N VAL A 22 1.78 -1.61 -7.19
CA VAL A 22 0.64 -2.01 -6.38
C VAL A 22 -0.03 -3.26 -6.96
N GLY A 23 0.39 -3.64 -8.16
CA GLY A 23 -0.18 -4.81 -8.81
C GLY A 23 -0.02 -6.06 -7.97
N TYR A 24 -0.45 -7.20 -8.51
CA TYR A 24 -0.35 -8.47 -7.80
C TYR A 24 1.08 -8.73 -7.32
N GLN A 25 1.19 -9.26 -6.12
CA GLN A 25 2.49 -9.55 -5.53
C GLN A 25 3.16 -10.71 -6.26
N GLY A 1 -0.73 -8.81 14.19
CA GLY A 1 0.29 -9.74 14.66
C GLY A 1 1.49 -9.04 15.25
N VAL A 2 1.66 -7.77 14.90
CA VAL A 2 2.78 -6.98 15.40
C VAL A 2 2.41 -6.26 16.70
N LYS A 3 3.37 -6.20 17.62
CA LYS A 3 3.15 -5.54 18.90
C LYS A 3 2.56 -4.15 18.70
N GLY A 4 1.31 -3.97 19.12
CA GLY A 4 0.65 -2.69 18.98
C GLY A 4 -0.15 -2.58 17.70
N PHE A 5 -0.29 -1.36 17.18
CA PHE A 5 -1.05 -1.13 15.96
C PHE A 5 -0.48 -1.95 14.80
N ASN A 6 -1.22 -2.00 13.70
CA ASN A 6 -0.78 -2.75 12.53
C ASN A 6 -0.10 -1.83 11.52
N CYS A 7 0.52 -0.77 12.02
CA CYS A 7 1.22 0.19 11.18
C CYS A 7 0.45 0.40 9.86
N TYR A 8 -0.87 0.49 9.96
CA TYR A 8 -1.71 0.69 8.79
C TYR A 8 -1.58 2.11 8.26
N PHE A 9 -0.54 2.34 7.47
CA PHE A 9 -0.29 3.67 6.89
C PHE A 9 -1.03 3.82 5.56
N PRO A 10 -1.26 5.08 5.17
CA PRO A 10 -1.97 5.41 3.92
C PRO A 10 -1.13 5.07 2.69
N LEU A 11 0.13 5.48 2.71
CA LEU A 11 1.04 5.23 1.58
C LEU A 11 1.54 3.79 1.61
N GLN A 12 1.56 3.20 2.80
CA GLN A 12 2.02 1.82 2.96
C GLN A 12 0.87 0.84 2.79
N SER A 13 -0.29 1.35 2.34
CA SER A 13 -1.46 0.52 2.15
C SER A 13 -2.23 0.94 0.90
N TYR A 14 -1.50 1.44 -0.09
CA TYR A 14 -2.10 1.90 -1.33
C TYR A 14 -1.06 1.93 -2.46
N GLY A 15 0.00 1.16 -2.29
CA GLY A 15 1.04 1.12 -3.30
C GLY A 15 1.75 2.44 -3.46
N PHE A 16 1.95 2.87 -4.70
CA PHE A 16 2.63 4.13 -4.99
C PHE A 16 2.69 4.39 -6.48
N GLN A 17 3.06 3.36 -7.24
CA GLN A 17 3.17 3.48 -8.69
C GLN A 17 1.81 3.75 -9.31
N PRO A 18 1.82 4.24 -10.57
CA PRO A 18 0.60 4.56 -11.30
C PRO A 18 -0.19 3.32 -11.69
N THR A 19 0.40 2.14 -11.43
CA THR A 19 -0.24 0.88 -11.76
C THR A 19 -0.46 0.03 -10.51
N TYR A 20 0.64 -0.35 -9.86
CA TYR A 20 0.58 -1.17 -8.66
C TYR A 20 -0.04 -2.53 -8.96
N GLY A 21 0.07 -2.96 -10.20
CA GLY A 21 -0.48 -4.25 -10.60
C GLY A 21 0.56 -5.36 -10.57
N VAL A 22 1.83 -4.98 -10.60
CA VAL A 22 2.92 -5.95 -10.58
C VAL A 22 3.49 -6.10 -9.17
N GLY A 23 2.68 -5.80 -8.17
CA GLY A 23 3.12 -5.91 -6.80
C GLY A 23 2.16 -6.72 -5.94
N TYR A 24 2.40 -6.72 -4.63
CA TYR A 24 1.56 -7.46 -3.70
C TYR A 24 0.23 -6.74 -3.47
N GLN A 25 -0.86 -7.50 -3.53
CA GLN A 25 -2.19 -6.94 -3.33
C GLN A 25 -2.32 -5.58 -4.03
#